data_9CTD
#
_entry.id   9CTD
#
_cell.length_a   130.694
_cell.length_b   130.694
_cell.length_c   155.382
_cell.angle_alpha   90.000
_cell.angle_beta   90.000
_cell.angle_gamma   90.000
#
_symmetry.space_group_name_H-M   'P 41 21 2'
#
loop_
_entity.id
_entity.type
_entity.pdbx_description
1 polymer '3-oxoacid CoA-transferase, A subunit'
2 polymer '3-oxoacid CoA-transferase, B subunit'
3 non-polymer 'ACETATE ION'
4 non-polymer DI(HYDROXYETHYL)ETHER
5 non-polymer 'COENZYME A'
6 water water
#
loop_
_entity_poly.entity_id
_entity_poly.type
_entity_poly.pdbx_seq_one_letter_code
_entity_poly.pdbx_strand_id
1 'polypeptide(L)'
;MKVVDISKINELVKEGATLMIGGFLGVGTPENIIDEIIRHNISNLTVIANDTAFEDRGIGKLVKNKLCKKVIVSHIGTNP
ETQRQMIEGTLEVELVPQGTLAERIRAAGVGLGGILTPTGVGTVVEKDKKVIEVEGKKYLLELPIHADVALIKAKKADYL
GNLVYNLTAENFNPIMALAAKTVIAEVEEIVPTGTLSPNEIKTPGIIVDYIVTGVTR
;
D,A
2 'polypeptide(L)'
;MNPKEKIAIRVAQELKKGQLVNLGIGLPTLVANYIPKDIHVTFQCENGIIGMGPAPKEGYENSDLTNAGASYITALPGAM
TFDSAFSFGIIRGGHLDVTVLGGLQVDEEGHLANWMIPGKMIPGMGGAMDLVTGAKKVIVAMTHTAKGTPKIVKKCTLPL
TSIRKVDLIVTELAVIEPTDEGLLLKEISKETTLDEVLKLTEAKLIIADDLKIFA
;
C,B
#
# COMPACT_ATOMS: atom_id res chain seq x y z
N MET A 1 3.36 -26.46 -13.32
CA MET A 1 2.74 -26.84 -12.01
C MET A 1 3.52 -26.14 -10.87
N LYS A 2 2.78 -25.39 -10.07
CA LYS A 2 3.42 -24.63 -9.00
C LYS A 2 3.73 -25.47 -7.77
N VAL A 3 2.91 -26.48 -7.50
CA VAL A 3 3.06 -27.27 -6.28
C VAL A 3 4.22 -28.22 -6.44
N VAL A 4 5.15 -28.18 -5.51
CA VAL A 4 6.31 -29.06 -5.48
C VAL A 4 6.41 -29.68 -4.11
N ASP A 5 7.10 -30.82 -4.04
CA ASP A 5 7.34 -31.41 -2.74
C ASP A 5 8.21 -30.49 -1.88
N ILE A 6 7.94 -30.52 -0.58
CA ILE A 6 8.67 -29.67 0.36
C ILE A 6 10.15 -30.01 0.34
N SER A 7 10.51 -31.25 -0.03
CA SER A 7 11.92 -31.59 -0.01
C SER A 7 12.66 -30.91 -1.14
N LYS A 8 11.98 -30.24 -2.06
CA LYS A 8 12.67 -29.50 -3.11
C LYS A 8 13.22 -28.14 -2.65
N ILE A 9 13.05 -27.77 -1.37
CA ILE A 9 13.59 -26.48 -0.95
C ILE A 9 15.11 -26.40 -1.17
N ASN A 10 15.80 -27.52 -0.97
CA ASN A 10 17.26 -27.50 -1.16
C ASN A 10 17.65 -27.19 -2.61
N GLU A 11 16.77 -27.42 -3.56
CA GLU A 11 17.03 -27.08 -4.96
C GLU A 11 16.75 -25.62 -5.27
N LEU A 12 16.00 -24.92 -4.43
CA LEU A 12 15.50 -23.59 -4.75
C LEU A 12 16.10 -22.47 -3.91
N VAL A 13 16.64 -22.77 -2.74
CA VAL A 13 17.25 -21.80 -1.84
C VAL A 13 18.73 -22.12 -1.77
N LYS A 14 19.55 -21.18 -2.26
CA LYS A 14 20.99 -21.38 -2.38
C LYS A 14 21.71 -20.85 -1.15
N GLU A 15 22.86 -21.45 -0.86
CA GLU A 15 23.73 -20.82 0.13
C GLU A 15 23.97 -19.37 -0.23
N GLY A 16 24.01 -18.53 0.79
CA GLY A 16 24.24 -17.13 0.57
C GLY A 16 23.06 -16.34 0.08
N ALA A 17 21.88 -16.96 -0.04
CA ALA A 17 20.73 -16.27 -0.59
C ALA A 17 20.30 -15.10 0.29
N THR A 18 19.70 -14.08 -0.34
CA THR A 18 18.96 -13.05 0.38
C THR A 18 17.49 -13.45 0.37
N LEU A 19 16.91 -13.63 1.56
CA LEU A 19 15.58 -14.20 1.72
C LEU A 19 14.70 -13.21 2.48
N MET A 20 13.49 -12.99 2.00
CA MET A 20 12.41 -12.49 2.88
C MET A 20 11.60 -13.65 3.44
N ILE A 21 11.40 -13.64 4.75
CA ILE A 21 10.66 -14.69 5.44
C ILE A 21 9.51 -14.07 6.23
N GLY A 22 8.30 -14.55 5.97
CA GLY A 22 7.13 -14.01 6.62
C GLY A 22 7.01 -14.48 8.04
N GLY A 23 6.16 -13.79 8.80
CA GLY A 23 5.91 -14.18 10.17
C GLY A 23 6.15 -13.08 11.19
N PHE A 24 5.27 -12.98 12.18
CA PHE A 24 5.44 -12.08 13.30
C PHE A 24 5.68 -12.94 14.54
N LEU A 25 6.91 -12.92 15.06
CA LEU A 25 7.30 -13.76 16.17
C LEU A 25 6.85 -15.21 15.95
N GLY A 26 7.01 -15.67 14.71
CA GLY A 26 6.73 -17.05 14.36
C GLY A 26 5.29 -17.33 13.99
N VAL A 27 4.42 -16.32 14.04
CA VAL A 27 3.02 -16.46 13.62
C VAL A 27 2.90 -16.09 12.14
N GLY A 28 2.42 -17.02 11.32
CA GLY A 28 2.41 -16.79 9.90
C GLY A 28 3.78 -16.94 9.28
N THR A 29 4.60 -17.83 9.84
CA THR A 29 5.92 -18.12 9.31
C THR A 29 5.92 -19.49 8.63
N PRO A 30 6.68 -19.64 7.54
CA PRO A 30 6.69 -20.95 6.83
C PRO A 30 7.56 -21.98 7.55
N GLU A 31 6.99 -22.59 8.59
CA GLU A 31 7.79 -23.40 9.50
C GLU A 31 8.37 -24.62 8.81
N ASN A 32 7.62 -25.25 7.92
CA ASN A 32 8.14 -26.43 7.23
C ASN A 32 9.27 -26.07 6.26
N ILE A 33 9.20 -24.91 5.61
CA ILE A 33 10.31 -24.47 4.75
C ILE A 33 11.54 -24.20 5.60
N ILE A 34 11.35 -23.53 6.74
CA ILE A 34 12.45 -23.29 7.64
C ILE A 34 13.10 -24.61 8.05
N ASP A 35 12.27 -25.61 8.36
CA ASP A 35 12.85 -26.89 8.77
C ASP A 35 13.65 -27.54 7.65
N GLU A 36 13.27 -27.29 6.39
CA GLU A 36 14.05 -27.84 5.27
C GLU A 36 15.40 -27.16 5.16
N ILE A 37 15.43 -25.84 5.36
CA ILE A 37 16.69 -25.10 5.36
C ILE A 37 17.61 -25.63 6.45
N ILE A 38 17.07 -25.90 7.64
CA ILE A 38 17.87 -26.42 8.74
C ILE A 38 18.40 -27.80 8.38
N ARG A 39 17.53 -28.65 7.85
CA ARG A 39 17.90 -30.03 7.55
C ARG A 39 19.05 -30.09 6.56
N HIS A 40 19.14 -29.13 5.64
CA HIS A 40 20.11 -29.13 4.57
C HIS A 40 21.22 -28.10 4.74
N ASN A 41 21.34 -27.56 5.94
CA ASN A 41 22.44 -26.68 6.29
C ASN A 41 22.66 -25.59 5.28
N ILE A 42 21.58 -24.96 4.81
CA ILE A 42 21.72 -23.89 3.83
C ILE A 42 22.09 -22.61 4.58
N SER A 43 23.34 -22.18 4.44
CA SER A 43 23.96 -21.23 5.36
C SER A 43 24.34 -19.94 4.65
N ASN A 44 24.97 -19.05 5.43
CA ASN A 44 25.39 -17.73 4.95
C ASN A 44 24.21 -16.90 4.44
N LEU A 45 23.05 -17.07 5.06
CA LEU A 45 21.84 -16.40 4.58
C LEU A 45 21.76 -14.95 5.08
N THR A 46 21.15 -14.11 4.27
CA THR A 46 20.67 -12.80 4.71
C THR A 46 19.15 -12.88 4.77
N VAL A 47 18.59 -12.68 5.96
CA VAL A 47 17.17 -12.83 6.20
C VAL A 47 16.56 -11.47 6.51
N ILE A 48 15.55 -11.09 5.73
CA ILE A 48 14.73 -9.90 5.92
C ILE A 48 13.41 -10.38 6.53
N ALA A 49 13.06 -9.87 7.72
CA ALA A 49 11.88 -10.37 8.42
C ALA A 49 11.54 -9.37 9.51
N ASN A 50 10.35 -9.52 10.09
CA ASN A 50 10.06 -8.61 11.20
C ASN A 50 11.03 -8.79 12.35
N ASP A 51 11.44 -10.03 12.62
CA ASP A 51 12.12 -10.41 13.85
C ASP A 51 12.84 -11.73 13.61
N THR A 52 13.54 -12.21 14.65
CA THR A 52 14.14 -13.54 14.68
C THR A 52 13.39 -14.48 15.65
N ALA A 53 12.08 -14.23 15.83
CA ALA A 53 11.19 -15.04 16.64
C ALA A 53 11.82 -15.45 17.98
N PHE A 54 11.73 -16.72 18.33
CA PHE A 54 12.29 -17.28 19.56
C PHE A 54 13.29 -18.36 19.18
N GLU A 55 14.16 -18.73 20.13
CA GLU A 55 15.20 -19.72 19.82
C GLU A 55 14.61 -21.05 19.36
N ASP A 56 13.39 -21.35 19.77
CA ASP A 56 12.76 -22.64 19.50
C ASP A 56 11.85 -22.62 18.27
N ARG A 57 11.74 -21.50 17.55
CA ARG A 57 10.76 -21.54 16.48
C ARG A 57 11.03 -20.54 15.39
N GLY A 58 10.51 -20.88 14.21
CA GLY A 58 10.53 -19.95 13.11
C GLY A 58 11.93 -19.55 12.76
N ILE A 59 12.09 -18.26 12.43
CA ILE A 59 13.37 -17.74 12.02
C ILE A 59 14.42 -17.96 13.10
N GLY A 60 14.00 -18.04 14.36
CA GLY A 60 14.93 -18.31 15.44
C GLY A 60 15.72 -19.59 15.27
N LYS A 61 15.11 -20.60 14.64
CA LYS A 61 15.83 -21.84 14.38
C LYS A 61 17.01 -21.60 13.43
N LEU A 62 16.85 -20.70 12.46
CA LEU A 62 17.95 -20.42 11.55
C LEU A 62 19.14 -19.77 12.28
N VAL A 63 18.84 -18.86 13.19
CA VAL A 63 19.89 -18.23 13.99
C VAL A 63 20.52 -19.22 14.94
N LYS A 64 19.71 -20.10 15.53
CA LYS A 64 20.25 -21.08 16.47
C LYS A 64 21.28 -21.96 15.79
N ASN A 65 21.03 -22.34 14.54
CA ASN A 65 21.95 -23.17 13.77
C ASN A 65 22.99 -22.36 13.00
N LYS A 66 23.09 -21.07 13.26
CA LYS A 66 24.13 -20.22 12.72
C LYS A 66 24.14 -20.20 11.21
N LEU A 67 22.93 -20.24 10.61
CA LEU A 67 22.75 -20.21 9.16
C LEU A 67 22.60 -18.80 8.60
N CYS A 68 22.52 -17.78 9.44
CA CYS A 68 22.40 -16.41 8.97
C CYS A 68 23.72 -15.69 9.08
N LYS A 69 24.10 -15.05 8.00
CA LYS A 69 25.24 -14.14 8.04
C LYS A 69 24.74 -12.74 8.50
N LYS A 70 23.48 -12.42 8.18
CA LYS A 70 22.92 -11.10 8.41
C LYS A 70 21.40 -11.20 8.54
N VAL A 71 20.83 -10.42 9.46
CA VAL A 71 19.39 -10.23 9.56
C VAL A 71 19.06 -8.75 9.48
N ILE A 72 17.98 -8.44 8.76
CA ILE A 72 17.45 -7.11 8.57
C ILE A 72 16.04 -7.17 9.14
N VAL A 73 15.83 -6.63 10.34
CA VAL A 73 14.64 -6.91 11.12
C VAL A 73 14.32 -5.66 11.94
N SER A 74 13.13 -5.64 12.54
CA SER A 74 12.76 -4.57 13.46
C SER A 74 12.97 -4.93 14.91
N HIS A 75 13.07 -6.21 15.25
CA HIS A 75 13.07 -6.61 16.63
C HIS A 75 13.82 -7.93 16.82
N ILE A 76 14.63 -7.98 17.88
CA ILE A 76 15.39 -9.17 18.23
C ILE A 76 15.29 -9.49 19.71
N GLY A 77 14.54 -8.72 20.49
CA GLY A 77 14.58 -8.87 21.93
C GLY A 77 14.08 -10.19 22.46
N THR A 78 13.28 -10.94 21.69
CA THR A 78 12.76 -12.20 22.22
C THR A 78 13.69 -13.37 21.91
N ASN A 79 14.84 -13.12 21.29
CA ASN A 79 15.81 -14.16 20.97
C ASN A 79 17.22 -13.83 21.49
N PRO A 80 17.56 -14.33 22.67
CA PRO A 80 18.89 -14.03 23.23
C PRO A 80 20.04 -14.57 22.40
N GLU A 81 19.82 -15.62 21.60
CA GLU A 81 20.90 -16.11 20.75
C GLU A 81 21.23 -15.13 19.63
N THR A 82 20.20 -14.49 19.04
CA THR A 82 20.47 -13.41 18.10
C THR A 82 21.29 -12.30 18.72
N GLN A 83 20.95 -11.92 19.95
CA GLN A 83 21.68 -10.87 20.65
C GLN A 83 23.12 -11.28 20.91
N ARG A 84 23.34 -12.52 21.30
CA ARG A 84 24.69 -12.99 21.59
C ARG A 84 25.56 -13.01 20.33
N GLN A 85 25.03 -13.50 19.20
CA GLN A 85 25.79 -13.51 17.96
C GLN A 85 26.05 -12.08 17.47
N MET A 86 25.09 -11.18 17.64
CA MET A 86 25.33 -9.78 17.29
C MET A 86 26.51 -9.22 18.08
N ILE A 87 26.50 -9.41 19.40
CA ILE A 87 27.55 -8.86 20.27
C ILE A 87 28.90 -9.48 19.93
N GLU A 88 28.92 -10.78 19.66
CA GLU A 88 30.18 -11.42 19.31
C GLU A 88 30.65 -11.09 17.90
N GLY A 89 29.81 -10.50 17.07
CA GLY A 89 30.23 -10.04 15.75
C GLY A 89 30.10 -11.04 14.62
N THR A 90 29.56 -12.24 14.88
CA THR A 90 29.42 -13.25 13.84
C THR A 90 28.12 -13.10 13.05
N LEU A 91 27.12 -12.37 13.58
CA LEU A 91 25.88 -12.06 12.88
C LEU A 91 25.75 -10.54 12.74
N GLU A 92 25.61 -10.06 11.52
CA GLU A 92 25.30 -8.66 11.33
C GLU A 92 23.80 -8.44 11.52
N VAL A 93 23.43 -7.41 12.27
CA VAL A 93 22.03 -7.07 12.53
C VAL A 93 21.79 -5.66 12.06
N GLU A 94 20.82 -5.49 11.19
CA GLU A 94 20.44 -4.17 10.71
C GLU A 94 19.02 -3.95 11.22
N LEU A 95 18.86 -3.03 12.16
CA LEU A 95 17.56 -2.73 12.75
C LEU A 95 16.83 -1.71 11.90
N VAL A 96 15.57 -2.00 11.59
CA VAL A 96 14.75 -1.16 10.75
C VAL A 96 13.43 -0.94 11.46
N PRO A 97 12.99 0.29 11.68
CA PRO A 97 11.67 0.50 12.30
C PRO A 97 10.60 -0.28 11.53
N GLN A 98 9.71 -0.94 12.26
CA GLN A 98 8.82 -1.92 11.64
C GLN A 98 7.97 -1.33 10.52
N GLY A 99 7.41 -0.14 10.72
CA GLY A 99 6.63 0.47 9.66
C GLY A 99 7.48 0.84 8.46
N THR A 100 8.73 1.23 8.71
CA THR A 100 9.66 1.49 7.63
C THR A 100 10.00 0.20 6.89
N LEU A 101 10.19 -0.89 7.62
CA LEU A 101 10.48 -2.16 6.98
C LEU A 101 9.34 -2.55 6.04
N ALA A 102 8.11 -2.39 6.51
CA ALA A 102 6.96 -2.70 5.69
C ALA A 102 6.97 -1.88 4.41
N GLU A 103 7.22 -0.58 4.52
CA GLU A 103 7.16 0.28 3.34
C GLU A 103 8.36 0.09 2.43
N ARG A 104 9.53 -0.22 2.98
CA ARG A 104 10.72 -0.44 2.13
C ARG A 104 10.57 -1.74 1.32
N ILE A 105 10.07 -2.81 1.95
CA ILE A 105 9.76 -4.04 1.22
C ILE A 105 8.68 -3.77 0.18
N ARG A 106 7.62 -3.08 0.59
CA ARG A 106 6.55 -2.76 -0.35
C ARG A 106 7.06 -1.98 -1.54
N ALA A 107 7.96 -1.01 -1.30
CA ALA A 107 8.44 -0.18 -2.38
C ALA A 107 9.11 -1.05 -3.44
N ALA A 108 9.92 -2.03 -3.02
CA ALA A 108 10.50 -2.96 -3.98
C ALA A 108 9.41 -3.74 -4.69
N GLY A 109 8.35 -4.11 -3.99
CA GLY A 109 7.30 -4.91 -4.61
C GLY A 109 6.44 -4.16 -5.59
N VAL A 110 6.26 -2.85 -5.39
CA VAL A 110 5.36 -2.06 -6.22
C VAL A 110 6.10 -1.13 -7.15
N GLY A 111 7.42 -1.27 -7.27
CA GLY A 111 8.20 -0.49 -8.21
C GLY A 111 8.54 0.95 -7.87
N LEU A 112 8.52 1.33 -6.59
CA LEU A 112 8.94 2.66 -6.15
C LEU A 112 10.45 2.68 -5.94
N GLY A 113 11.04 3.87 -6.10
CA GLY A 113 12.44 4.05 -5.83
C GLY A 113 12.75 4.36 -4.38
N GLY A 114 11.73 4.56 -3.56
CA GLY A 114 11.92 4.88 -2.16
C GLY A 114 10.67 5.57 -1.64
N ILE A 115 10.63 5.75 -0.33
CA ILE A 115 9.54 6.45 0.33
C ILE A 115 10.15 7.39 1.37
N LEU A 116 9.39 8.42 1.71
CA LEU A 116 9.79 9.38 2.73
C LEU A 116 8.97 9.11 3.98
N THR A 117 9.64 8.84 5.10
CA THR A 117 8.90 8.65 6.32
C THR A 117 9.40 9.56 7.43
N PRO A 118 8.48 10.06 8.27
CA PRO A 118 8.90 10.81 9.48
C PRO A 118 9.45 9.95 10.59
N THR A 119 9.18 8.65 10.56
CA THR A 119 9.68 7.76 11.58
C THR A 119 11.19 7.68 11.51
N GLY A 120 11.83 7.81 12.68
CA GLY A 120 13.26 7.74 12.82
C GLY A 120 14.00 9.07 12.72
N VAL A 121 13.33 10.14 12.27
CA VAL A 121 13.97 11.45 12.21
C VAL A 121 14.46 11.80 13.61
N GLY A 122 15.70 12.29 13.70
CA GLY A 122 16.23 12.73 14.97
C GLY A 122 16.59 11.61 15.92
N THR A 123 16.59 10.37 15.45
CA THR A 123 17.04 9.21 16.18
C THR A 123 18.27 8.66 15.49
N VAL A 124 18.77 7.56 16.04
CA VAL A 124 19.91 6.91 15.40
C VAL A 124 19.56 6.34 14.03
N VAL A 125 18.26 6.18 13.73
CA VAL A 125 17.89 5.70 12.40
C VAL A 125 18.23 6.71 11.32
N GLU A 126 18.31 8.00 11.66
CA GLU A 126 18.65 9.02 10.68
C GLU A 126 20.09 8.86 10.15
N LYS A 127 20.95 8.18 10.87
CA LYS A 127 22.35 8.06 10.44
C LYS A 127 22.43 7.45 9.05
N ASP A 128 23.15 8.11 8.16
CA ASP A 128 23.40 7.62 6.81
C ASP A 128 22.13 7.58 5.97
N LYS A 129 21.19 8.49 6.24
CA LYS A 129 20.00 8.62 5.41
C LYS A 129 19.97 10.00 4.81
N LYS A 130 19.49 10.10 3.58
CA LYS A 130 19.14 11.39 3.03
C LYS A 130 17.89 11.91 3.75
N VAL A 131 17.96 13.17 4.19
CA VAL A 131 16.84 13.85 4.83
C VAL A 131 16.23 14.78 3.83
N ILE A 132 14.92 14.70 3.65
CA ILE A 132 14.21 15.55 2.69
C ILE A 132 13.14 16.31 3.44
N GLU A 133 13.07 17.62 3.16
CA GLU A 133 12.08 18.47 3.80
C GLU A 133 10.96 18.75 2.80
N VAL A 134 9.71 18.57 3.26
CA VAL A 134 8.53 18.72 2.44
C VAL A 134 7.53 19.51 3.29
N GLU A 135 7.23 20.75 2.88
CA GLU A 135 6.29 21.58 3.62
C GLU A 135 6.78 21.83 5.05
N GLY A 136 8.08 22.08 5.19
CA GLY A 136 8.65 22.37 6.48
C GLY A 136 8.74 21.20 7.45
N LYS A 137 8.45 19.97 7.01
CA LYS A 137 8.58 18.79 7.84
C LYS A 137 9.69 17.91 7.27
N LYS A 138 10.50 17.34 8.15
CA LYS A 138 11.62 16.51 7.74
C LYS A 138 11.19 15.04 7.63
N TYR A 139 11.72 14.37 6.62
CA TYR A 139 11.48 12.96 6.38
C TYR A 139 12.81 12.28 6.10
N LEU A 140 12.89 11.01 6.44
CA LEU A 140 13.99 10.16 6.01
C LEU A 140 13.61 9.51 4.68
N LEU A 141 14.52 9.58 3.71
CA LEU A 141 14.40 8.79 2.49
C LEU A 141 14.80 7.36 2.82
N GLU A 142 13.88 6.42 2.64
CA GLU A 142 14.13 5.02 2.91
C GLU A 142 13.95 4.24 1.61
N LEU A 143 14.90 3.33 1.35
CA LEU A 143 15.11 2.77 0.01
C LEU A 143 14.52 1.37 -0.11
N PRO A 144 14.13 0.96 -1.32
CA PRO A 144 13.50 -0.36 -1.46
C PRO A 144 14.44 -1.48 -1.03
N ILE A 145 13.87 -2.51 -0.42
CA ILE A 145 14.62 -3.71 -0.02
C ILE A 145 14.24 -4.85 -0.95
N HIS A 146 15.25 -5.40 -1.64
CA HIS A 146 15.08 -6.51 -2.59
C HIS A 146 15.52 -7.83 -1.98
N ALA A 147 15.07 -8.92 -2.60
CA ALA A 147 15.53 -10.23 -2.16
C ALA A 147 15.45 -11.21 -3.32
N ASP A 148 16.26 -12.26 -3.20
CA ASP A 148 16.24 -13.36 -4.16
C ASP A 148 14.96 -14.17 -4.06
N VAL A 149 14.55 -14.54 -2.84
CA VAL A 149 13.41 -15.45 -2.66
C VAL A 149 12.59 -14.96 -1.48
N ALA A 150 11.28 -14.96 -1.63
CA ALA A 150 10.36 -14.76 -0.52
C ALA A 150 9.83 -16.11 -0.09
N LEU A 151 9.97 -16.42 1.19
CA LEU A 151 9.45 -17.63 1.80
C LEU A 151 8.27 -17.17 2.65
N ILE A 152 7.06 -17.39 2.15
CA ILE A 152 5.87 -16.86 2.78
C ILE A 152 4.99 -18.02 3.23
N LYS A 153 4.08 -17.69 4.14
CA LYS A 153 3.13 -18.63 4.69
C LYS A 153 1.73 -18.09 4.41
N ALA A 154 0.83 -18.99 4.00
CA ALA A 154 -0.55 -18.62 3.76
C ALA A 154 -1.48 -19.73 4.26
N LYS A 155 -2.76 -19.38 4.44
CA LYS A 155 -3.75 -20.32 4.94
C LYS A 155 -4.16 -21.32 3.88
N LYS A 156 -4.52 -20.82 2.70
CA LYS A 156 -5.00 -21.66 1.61
C LYS A 156 -4.47 -21.10 0.30
N ALA A 157 -4.27 -22.00 -0.67
CA ALA A 157 -4.05 -21.64 -2.06
C ALA A 157 -5.09 -22.36 -2.90
N ASP A 158 -5.64 -21.70 -3.91
CA ASP A 158 -6.48 -22.43 -4.85
C ASP A 158 -5.57 -23.08 -5.91
N TYR A 159 -6.19 -23.83 -6.84
CA TYR A 159 -5.40 -24.52 -7.85
C TYR A 159 -4.54 -23.57 -8.68
N LEU A 160 -4.92 -22.30 -8.78
CA LEU A 160 -4.13 -21.34 -9.54
C LEU A 160 -3.05 -20.66 -8.72
N GLY A 161 -2.95 -20.97 -7.43
CA GLY A 161 -1.98 -20.35 -6.57
C GLY A 161 -2.45 -19.06 -5.91
N ASN A 162 -3.70 -18.66 -6.09
CA ASN A 162 -4.21 -17.51 -5.36
C ASN A 162 -4.18 -17.83 -3.88
N LEU A 163 -3.79 -16.85 -3.05
CA LEU A 163 -3.60 -17.04 -1.63
C LEU A 163 -4.57 -16.21 -0.80
N VAL A 164 -5.05 -16.80 0.28
CA VAL A 164 -5.64 -16.09 1.39
C VAL A 164 -4.84 -16.38 2.66
N TYR A 165 -4.91 -15.43 3.59
CA TYR A 165 -4.23 -15.45 4.88
C TYR A 165 -5.25 -15.60 5.99
N ASN A 166 -4.79 -15.76 7.22
CA ASN A 166 -5.70 -15.96 8.35
C ASN A 166 -5.29 -15.07 9.51
N LEU A 167 -6.12 -14.07 9.82
CA LEU A 167 -5.97 -13.30 11.08
C LEU A 167 -4.58 -12.70 11.15
N THR A 168 -3.91 -12.74 12.32
CA THR A 168 -2.65 -12.02 12.46
C THR A 168 -1.47 -12.80 11.91
N ALA A 169 -1.73 -13.92 11.22
CA ALA A 169 -0.68 -14.59 10.48
C ALA A 169 -0.37 -13.90 9.15
N GLU A 170 -1.14 -12.88 8.76
CA GLU A 170 -0.89 -12.22 7.49
C GLU A 170 0.40 -11.42 7.51
N ASN A 171 0.50 -10.48 8.45
CA ASN A 171 1.62 -9.57 8.68
C ASN A 171 2.41 -9.30 7.40
N PHE A 172 3.68 -9.71 7.31
CA PHE A 172 4.53 -9.29 6.20
C PHE A 172 4.38 -10.15 4.93
N ASN A 173 3.68 -11.26 5.01
CA ASN A 173 3.68 -12.21 3.91
C ASN A 173 3.23 -11.66 2.56
N PRO A 174 2.08 -10.99 2.43
CA PRO A 174 1.68 -10.51 1.10
C PRO A 174 2.55 -9.40 0.59
N ILE A 175 3.23 -8.65 1.48
CA ILE A 175 4.15 -7.62 1.04
C ILE A 175 5.38 -8.24 0.40
N MET A 176 5.98 -9.21 1.11
CA MET A 176 7.14 -9.95 0.62
C MET A 176 6.83 -10.66 -0.68
N ALA A 177 5.58 -11.12 -0.85
CA ALA A 177 5.21 -11.81 -2.09
C ALA A 177 5.43 -10.91 -3.30
N LEU A 178 5.24 -9.60 -3.15
CA LEU A 178 5.43 -8.69 -4.28
C LEU A 178 6.90 -8.35 -4.51
N ALA A 179 7.76 -8.53 -3.51
CA ALA A 179 9.02 -7.84 -3.52
C ALA A 179 10.18 -8.71 -3.97
N ALA A 180 10.09 -10.03 -3.82
CA ALA A 180 11.23 -10.86 -4.15
C ALA A 180 11.18 -11.36 -5.58
N LYS A 181 12.34 -11.79 -6.09
CA LYS A 181 12.39 -12.30 -7.46
C LYS A 181 11.61 -13.61 -7.63
N THR A 182 11.74 -14.52 -6.68
CA THR A 182 11.07 -15.80 -6.66
C THR A 182 10.26 -15.90 -5.38
N VAL A 183 9.06 -16.47 -5.48
CA VAL A 183 8.13 -16.55 -4.36
C VAL A 183 7.77 -18.00 -4.14
N ILE A 184 8.05 -18.51 -2.93
CA ILE A 184 7.66 -19.83 -2.49
C ILE A 184 6.67 -19.67 -1.32
N ALA A 185 5.46 -20.21 -1.48
CA ALA A 185 4.41 -20.13 -0.47
C ALA A 185 4.16 -21.48 0.16
N GLU A 186 4.33 -21.56 1.48
CA GLU A 186 3.89 -22.70 2.26
C GLU A 186 2.42 -22.47 2.60
N VAL A 187 1.55 -23.45 2.31
CA VAL A 187 0.13 -23.27 2.56
C VAL A 187 -0.40 -24.48 3.33
N GLU A 188 -1.47 -24.25 4.09
CA GLU A 188 -2.05 -25.30 4.90
C GLU A 188 -2.98 -26.20 4.13
N GLU A 189 -3.57 -25.72 3.04
CA GLU A 189 -4.62 -26.44 2.30
C GLU A 189 -4.60 -25.94 0.86
N ILE A 190 -4.77 -26.86 -0.10
CA ILE A 190 -5.03 -26.53 -1.50
C ILE A 190 -6.53 -26.72 -1.74
N VAL A 191 -7.19 -25.70 -2.28
CA VAL A 191 -8.64 -25.72 -2.46
C VAL A 191 -8.95 -25.50 -3.93
N PRO A 192 -10.12 -25.94 -4.37
CA PRO A 192 -10.49 -25.76 -5.77
C PRO A 192 -10.62 -24.29 -6.16
N THR A 193 -10.21 -23.98 -7.38
CA THR A 193 -10.47 -22.66 -7.95
C THR A 193 -11.97 -22.39 -7.84
N GLY A 194 -12.31 -21.21 -7.33
CA GLY A 194 -13.69 -20.87 -7.04
C GLY A 194 -14.06 -20.97 -5.59
N THR A 195 -13.20 -21.57 -4.79
CA THR A 195 -13.39 -21.52 -3.35
C THR A 195 -13.00 -20.17 -2.78
N LEU A 196 -12.02 -19.51 -3.37
CA LEU A 196 -11.55 -18.20 -2.91
C LEU A 196 -12.12 -17.16 -3.86
N SER A 197 -12.95 -16.26 -3.35
N SER A 197 -12.96 -16.26 -3.36
CA SER A 197 -13.65 -15.30 -4.21
CA SER A 197 -13.66 -15.33 -4.24
C SER A 197 -12.71 -14.20 -4.72
C SER A 197 -12.70 -14.23 -4.74
N PRO A 198 -13.03 -13.60 -5.87
CA PRO A 198 -12.23 -12.45 -6.31
C PRO A 198 -12.16 -11.33 -5.28
N ASN A 199 -13.18 -11.20 -4.43
CA ASN A 199 -13.24 -10.13 -3.43
C ASN A 199 -12.42 -10.42 -2.19
N GLU A 200 -11.94 -11.66 -1.99
CA GLU A 200 -11.21 -11.99 -0.78
C GLU A 200 -9.76 -12.42 -1.00
N ILE A 201 -9.37 -12.81 -2.22
CA ILE A 201 -7.99 -13.18 -2.46
C ILE A 201 -7.10 -11.99 -2.15
N LYS A 202 -5.96 -12.24 -1.50
CA LYS A 202 -5.02 -11.18 -1.16
C LYS A 202 -3.71 -11.24 -1.93
N THR A 203 -3.31 -12.39 -2.44
CA THR A 203 -2.14 -12.52 -3.31
C THR A 203 -2.54 -13.31 -4.54
N PRO A 204 -2.39 -12.76 -5.74
CA PRO A 204 -2.78 -13.49 -6.95
C PRO A 204 -1.78 -14.56 -7.29
N GLY A 205 -2.30 -15.68 -7.83
CA GLY A 205 -1.45 -16.82 -8.12
C GLY A 205 -0.34 -16.49 -9.11
N ILE A 206 -0.57 -15.52 -9.97
CA ILE A 206 0.39 -15.16 -11.00
C ILE A 206 1.75 -14.77 -10.42
N ILE A 207 1.78 -14.24 -9.18
CA ILE A 207 3.07 -13.85 -8.63
C ILE A 207 3.68 -14.93 -7.73
N VAL A 208 3.01 -16.06 -7.53
CA VAL A 208 3.50 -17.16 -6.71
C VAL A 208 4.16 -18.17 -7.64
N ASP A 209 5.44 -18.46 -7.40
CA ASP A 209 6.16 -19.36 -8.31
C ASP A 209 6.06 -20.81 -7.88
N TYR A 210 6.14 -21.08 -6.58
CA TYR A 210 6.10 -22.43 -6.07
C TYR A 210 5.23 -22.47 -4.83
N ILE A 211 4.62 -23.61 -4.62
CA ILE A 211 3.78 -23.86 -3.45
C ILE A 211 4.18 -25.16 -2.81
N VAL A 212 4.29 -25.17 -1.47
CA VAL A 212 4.55 -26.39 -0.71
C VAL A 212 3.49 -26.52 0.37
N THR A 213 3.28 -27.76 0.79
CA THR A 213 2.37 -28.08 1.92
C THR A 213 3.23 -28.83 2.94
N MET B 1 -24.34 8.59 16.09
CA MET B 1 -24.20 7.43 15.15
C MET B 1 -23.70 7.77 13.76
N LYS B 2 -23.23 6.75 13.03
CA LYS B 2 -22.57 7.04 11.76
C LYS B 2 -23.55 7.22 10.60
N VAL B 3 -24.65 6.46 10.58
CA VAL B 3 -25.60 6.56 9.48
C VAL B 3 -26.38 7.86 9.60
N VAL B 4 -26.40 8.64 8.54
CA VAL B 4 -27.04 9.94 8.52
C VAL B 4 -27.87 10.06 7.26
N ASP B 5 -28.86 10.94 7.32
CA ASP B 5 -29.65 11.28 6.15
C ASP B 5 -28.77 11.97 5.11
N ILE B 6 -29.13 11.81 3.83
CA ILE B 6 -28.31 12.38 2.76
C ILE B 6 -28.24 13.90 2.88
N SER B 7 -29.22 14.56 3.51
CA SER B 7 -29.14 16.02 3.67
C SER B 7 -27.94 16.44 4.50
N LYS B 8 -27.40 15.53 5.31
CA LYS B 8 -26.24 15.87 6.11
C LYS B 8 -25.01 16.20 5.26
N ILE B 9 -25.00 15.86 3.96
CA ILE B 9 -23.88 16.22 3.09
C ILE B 9 -23.67 17.74 3.11
N ASN B 10 -24.77 18.50 3.24
CA ASN B 10 -24.68 19.96 3.23
C ASN B 10 -23.96 20.51 4.44
N GLU B 11 -24.01 19.78 5.56
CA GLU B 11 -23.22 20.16 6.72
C GLU B 11 -21.76 19.77 6.63
N LEU B 12 -21.43 18.74 5.86
CA LEU B 12 -20.10 18.14 5.86
C LEU B 12 -19.24 18.50 4.66
N VAL B 13 -19.85 18.90 3.55
CA VAL B 13 -19.12 19.24 2.33
C VAL B 13 -19.29 20.75 2.16
N LYS B 14 -18.25 21.51 2.45
CA LYS B 14 -18.35 22.97 2.41
C LYS B 14 -18.17 23.48 0.98
N GLU B 15 -18.76 24.63 0.70
CA GLU B 15 -18.37 25.38 -0.47
C GLU B 15 -16.85 25.50 -0.51
N GLY B 16 -16.27 25.23 -1.69
CA GLY B 16 -14.82 25.25 -1.79
C GLY B 16 -14.08 24.03 -1.27
N ALA B 17 -14.77 22.96 -0.89
CA ALA B 17 -14.10 21.82 -0.30
C ALA B 17 -13.13 21.17 -1.31
N THR B 18 -12.07 20.59 -0.76
CA THR B 18 -11.20 19.66 -1.48
C THR B 18 -11.67 18.25 -1.17
N LEU B 19 -12.10 17.52 -2.20
CA LEU B 19 -12.76 16.23 -2.05
C LEU B 19 -12.02 15.13 -2.81
N MET B 20 -11.90 13.95 -2.20
CA MET B 20 -11.52 12.74 -2.90
C MET B 20 -12.83 12.01 -3.19
N ILE B 21 -13.05 11.64 -4.44
CA ILE B 21 -14.27 10.93 -4.81
C ILE B 21 -13.90 9.62 -5.48
N GLY B 22 -14.43 8.51 -4.93
CA GLY B 22 -14.15 7.22 -5.51
C GLY B 22 -14.87 6.99 -6.83
N GLY B 23 -14.40 5.97 -7.54
CA GLY B 23 -15.01 5.54 -8.77
C GLY B 23 -14.08 5.56 -9.97
N PHE B 24 -14.20 4.54 -10.79
CA PHE B 24 -13.46 4.47 -12.05
C PHE B 24 -14.48 4.59 -13.17
N LEU B 25 -14.44 5.70 -13.91
CA LEU B 25 -15.42 5.98 -14.93
C LEU B 25 -16.83 5.73 -14.41
N GLY B 26 -17.09 6.15 -13.16
CA GLY B 26 -18.41 6.07 -12.58
C GLY B 26 -18.75 4.73 -11.93
N VAL B 27 -17.85 3.77 -11.96
CA VAL B 27 -18.07 2.46 -11.36
C VAL B 27 -17.51 2.50 -9.94
N GLY B 28 -18.36 2.25 -8.95
CA GLY B 28 -17.90 2.43 -7.60
C GLY B 28 -17.79 3.88 -7.19
N THR B 29 -18.78 4.69 -7.57
CA THR B 29 -18.80 6.11 -7.24
C THR B 29 -20.01 6.41 -6.36
N PRO B 30 -19.92 7.39 -5.46
CA PRO B 30 -21.06 7.68 -4.54
C PRO B 30 -22.12 8.57 -5.20
N GLU B 31 -22.95 7.92 -6.02
CA GLU B 31 -23.88 8.66 -6.88
C GLU B 31 -24.88 9.48 -6.07
N ASN B 32 -25.40 8.93 -4.98
CA ASN B 32 -26.37 9.67 -4.17
C ASN B 32 -25.75 10.89 -3.49
N ILE B 33 -24.51 10.77 -3.03
CA ILE B 33 -23.85 11.94 -2.47
C ILE B 33 -23.65 13.00 -3.54
N ILE B 34 -23.22 12.60 -4.74
CA ILE B 34 -23.03 13.54 -5.84
C ILE B 34 -24.35 14.22 -6.16
N ASP B 35 -25.44 13.47 -6.17
CA ASP B 35 -26.72 14.08 -6.51
C ASP B 35 -27.13 15.13 -5.48
N GLU B 36 -26.77 14.93 -4.21
CA GLU B 36 -27.09 15.92 -3.18
C GLU B 36 -26.23 17.16 -3.35
N ILE B 37 -24.95 16.97 -3.68
CA ILE B 37 -24.10 18.13 -3.99
C ILE B 37 -24.68 18.95 -5.13
N ILE B 38 -25.19 18.27 -6.15
CA ILE B 38 -25.84 18.94 -7.26
C ILE B 38 -27.10 19.65 -6.80
N ARG B 39 -27.90 18.99 -5.95
N ARG B 39 -27.92 18.98 -5.98
CA ARG B 39 -29.18 19.53 -5.53
CA ARG B 39 -29.19 19.55 -5.54
C ARG B 39 -28.99 20.86 -4.81
C ARG B 39 -28.97 20.88 -4.83
N HIS B 40 -27.91 20.98 -4.02
CA HIS B 40 -27.60 22.20 -3.29
C HIS B 40 -26.52 23.03 -3.94
N ASN B 41 -26.13 22.69 -5.17
CA ASN B 41 -25.25 23.55 -5.97
C ASN B 41 -23.99 23.92 -5.20
N ILE B 42 -23.40 22.94 -4.52
CA ILE B 42 -22.16 23.17 -3.79
C ILE B 42 -20.99 23.24 -4.76
N SER B 43 -20.33 24.40 -4.83
CA SER B 43 -19.42 24.68 -5.91
C SER B 43 -18.02 25.08 -5.47
N ASN B 44 -17.20 25.44 -6.45
N ASN B 44 -17.18 25.48 -6.43
CA ASN B 44 -15.81 25.83 -6.22
CA ASN B 44 -15.78 25.82 -6.18
C ASN B 44 -15.01 24.65 -5.66
C ASN B 44 -15.02 24.63 -5.61
N LEU B 45 -15.46 23.43 -5.96
CA LEU B 45 -14.83 22.23 -5.45
C LEU B 45 -13.51 21.94 -6.14
N THR B 46 -12.59 21.38 -5.38
CA THR B 46 -11.43 20.69 -5.94
C THR B 46 -11.65 19.20 -5.78
N VAL B 47 -11.78 18.48 -6.90
CA VAL B 47 -12.08 17.06 -6.88
C VAL B 47 -10.86 16.26 -7.32
N ILE B 48 -10.45 15.35 -6.45
CA ILE B 48 -9.37 14.39 -6.67
C ILE B 48 -10.03 13.03 -6.96
N ALA B 49 -9.79 12.47 -8.14
CA ALA B 49 -10.46 11.22 -8.54
C ALA B 49 -9.68 10.65 -9.70
N ASN B 50 -10.00 9.42 -10.08
CA ASN B 50 -9.36 8.89 -11.27
C ASN B 50 -9.67 9.71 -12.51
N ASP B 51 -10.90 10.20 -12.63
CA ASP B 51 -11.40 10.74 -13.89
C ASP B 51 -12.62 11.59 -13.61
N THR B 52 -13.18 12.18 -14.68
CA THR B 52 -14.43 12.92 -14.59
C THR B 52 -15.59 12.15 -15.23
N ALA B 53 -15.47 10.82 -15.22
CA ALA B 53 -16.52 9.89 -15.66
C ALA B 53 -17.04 10.37 -17.01
N PHE B 54 -18.34 10.38 -17.21
CA PHE B 54 -18.98 10.78 -18.44
C PHE B 54 -19.92 11.92 -18.10
N GLU B 55 -20.40 12.61 -19.14
CA GLU B 55 -21.23 13.78 -18.89
C GLU B 55 -22.49 13.44 -18.11
N ASP B 56 -22.95 12.20 -18.18
CA ASP B 56 -24.25 11.81 -17.62
C ASP B 56 -24.16 11.12 -16.27
N ARG B 57 -22.98 10.99 -15.69
CA ARG B 57 -22.93 10.18 -14.49
C ARG B 57 -21.73 10.49 -13.64
N GLY B 58 -21.90 10.17 -12.35
CA GLY B 58 -20.82 10.27 -11.41
C GLY B 58 -20.26 11.67 -11.36
N ILE B 59 -18.94 11.74 -11.28
CA ILE B 59 -18.23 13.00 -11.16
C ILE B 59 -18.53 13.89 -12.34
N GLY B 60 -18.85 13.29 -13.48
CA GLY B 60 -19.21 14.09 -14.65
C GLY B 60 -20.40 15.01 -14.42
N LYS B 61 -21.33 14.61 -13.54
CA LYS B 61 -22.43 15.50 -13.20
C LYS B 61 -21.93 16.76 -12.51
N LEU B 62 -20.90 16.63 -11.69
CA LEU B 62 -20.36 17.82 -11.02
C LEU B 62 -19.76 18.79 -12.03
N VAL B 63 -19.04 18.25 -13.01
CA VAL B 63 -18.46 19.10 -14.05
C VAL B 63 -19.56 19.72 -14.89
N LYS B 64 -20.58 18.94 -15.22
CA LYS B 64 -21.62 19.48 -16.09
C LYS B 64 -22.29 20.71 -15.47
N ASN B 65 -22.47 20.71 -14.14
CA ASN B 65 -23.09 21.81 -13.41
C ASN B 65 -22.07 22.85 -12.97
N LYS B 66 -20.84 22.75 -13.44
CA LYS B 66 -19.76 23.71 -13.19
C LYS B 66 -19.49 23.90 -11.71
N LEU B 67 -19.50 22.81 -10.96
CA LEU B 67 -19.26 22.83 -9.52
C LEU B 67 -17.79 22.65 -9.15
N CYS B 68 -16.92 22.33 -10.11
CA CYS B 68 -15.50 22.11 -9.83
C CYS B 68 -14.72 23.32 -10.30
N LYS B 69 -13.90 23.88 -9.41
CA LYS B 69 -12.89 24.83 -9.82
C LYS B 69 -11.65 24.13 -10.36
N LYS B 70 -11.37 22.92 -9.87
CA LYS B 70 -10.14 22.20 -10.18
C LYS B 70 -10.41 20.71 -10.10
N VAL B 71 -9.83 19.94 -11.02
CA VAL B 71 -9.83 18.48 -10.90
C VAL B 71 -8.40 18.00 -10.95
N ILE B 72 -8.08 17.03 -10.09
CA ILE B 72 -6.78 16.38 -10.05
C ILE B 72 -7.08 14.92 -10.37
N VAL B 73 -6.76 14.49 -11.60
CA VAL B 73 -7.25 13.24 -12.15
C VAL B 73 -6.19 12.67 -13.09
N SER B 74 -6.39 11.41 -13.50
CA SER B 74 -5.50 10.80 -14.48
C SER B 74 -6.07 10.85 -15.90
N HIS B 75 -7.38 11.03 -16.07
CA HIS B 75 -8.02 10.87 -17.36
C HIS B 75 -9.29 11.71 -17.44
N ILE B 76 -9.45 12.40 -18.57
CA ILE B 76 -10.62 13.21 -18.86
C ILE B 76 -11.20 12.90 -20.23
N GLY B 77 -10.64 11.94 -20.97
CA GLY B 77 -10.97 11.78 -22.38
C GLY B 77 -12.40 11.38 -22.68
N THR B 78 -13.09 10.77 -21.71
CA THR B 78 -14.46 10.35 -21.90
C THR B 78 -15.47 11.44 -21.55
N ASN B 79 -15.02 12.65 -21.18
CA ASN B 79 -15.92 13.75 -20.85
C ASN B 79 -15.56 14.99 -21.63
N PRO B 80 -16.19 15.20 -22.79
CA PRO B 80 -15.88 16.40 -23.58
C PRO B 80 -16.18 17.71 -22.85
N GLU B 81 -17.12 17.73 -21.90
CA GLU B 81 -17.41 18.96 -21.18
C GLU B 81 -16.22 19.34 -20.28
N THR B 82 -15.60 18.34 -19.65
CA THR B 82 -14.36 18.61 -18.90
C THR B 82 -13.31 19.24 -19.80
N GLN B 83 -13.15 18.69 -20.99
CA GLN B 83 -12.13 19.21 -21.89
C GLN B 83 -12.48 20.63 -22.35
N ARG B 84 -13.76 20.88 -22.62
CA ARG B 84 -14.18 22.22 -23.03
C ARG B 84 -13.91 23.24 -21.94
N GLN B 85 -14.28 22.95 -20.69
CA GLN B 85 -14.00 23.87 -19.59
C GLN B 85 -12.50 24.04 -19.39
N MET B 86 -11.72 22.98 -19.59
CA MET B 86 -10.27 23.12 -19.49
C MET B 86 -9.75 24.11 -20.53
N ILE B 87 -10.16 23.95 -21.77
CA ILE B 87 -9.67 24.82 -22.83
C ILE B 87 -10.12 26.26 -22.63
N GLU B 88 -11.34 26.45 -22.14
CA GLU B 88 -11.79 27.80 -21.88
C GLU B 88 -11.12 28.44 -20.69
N GLY B 89 -10.49 27.65 -19.81
CA GLY B 89 -9.81 28.17 -18.66
C GLY B 89 -10.66 28.34 -17.42
N THR B 90 -11.90 27.90 -17.43
CA THR B 90 -12.73 28.01 -16.23
C THR B 90 -12.53 26.84 -15.27
N LEU B 91 -12.02 25.70 -15.75
CA LEU B 91 -11.71 24.54 -14.92
C LEU B 91 -10.20 24.31 -14.99
N GLU B 92 -9.52 24.28 -13.84
CA GLU B 92 -8.13 23.88 -13.80
C GLU B 92 -8.03 22.36 -13.75
N VAL B 93 -7.22 21.79 -14.64
CA VAL B 93 -7.04 20.33 -14.69
C VAL B 93 -5.59 20.02 -14.38
N GLU B 94 -5.36 19.21 -13.37
CA GLU B 94 -4.03 18.72 -13.04
C GLU B 94 -4.02 17.24 -13.40
N LEU B 95 -3.30 16.86 -14.45
CA LEU B 95 -3.23 15.47 -14.87
C LEU B 95 -2.14 14.74 -14.09
N VAL B 96 -2.50 13.59 -13.54
CA VAL B 96 -1.57 12.84 -12.72
C VAL B 96 -1.54 11.40 -13.24
N PRO B 97 -0.38 10.80 -13.51
CA PRO B 97 -0.39 9.38 -13.93
C PRO B 97 -1.12 8.53 -12.90
N GLN B 98 -1.95 7.61 -13.41
CA GLN B 98 -2.90 6.91 -12.51
C GLN B 98 -2.20 6.19 -11.37
N GLY B 99 -1.12 5.49 -11.65
CA GLY B 99 -0.38 4.85 -10.59
C GLY B 99 0.22 5.84 -9.60
N THR B 100 0.68 6.98 -10.11
CA THR B 100 1.20 8.01 -9.22
C THR B 100 0.09 8.59 -8.36
N LEU B 101 -1.09 8.78 -8.95
CA LEU B 101 -2.24 9.29 -8.20
C LEU B 101 -2.58 8.38 -7.04
N ALA B 102 -2.62 7.07 -7.30
CA ALA B 102 -2.87 6.11 -6.25
C ALA B 102 -1.83 6.24 -5.12
N GLU B 103 -0.55 6.31 -5.48
CA GLU B 103 0.47 6.33 -4.46
C GLU B 103 0.52 7.66 -3.73
N ARG B 104 0.16 8.75 -4.41
CA ARG B 104 0.16 10.07 -3.76
C ARG B 104 -0.96 10.18 -2.74
N ILE B 105 -2.15 9.72 -3.12
CA ILE B 105 -3.26 9.61 -2.17
C ILE B 105 -2.90 8.67 -1.03
N ARG B 106 -2.36 7.49 -1.36
CA ARG B 106 -2.00 6.54 -0.31
C ARG B 106 -0.96 7.14 0.63
N ALA B 107 0.02 7.88 0.09
CA ALA B 107 1.03 8.46 0.96
C ALA B 107 0.39 9.33 2.04
N ALA B 108 -0.60 10.12 1.66
CA ALA B 108 -1.31 10.94 2.64
C ALA B 108 -2.03 10.07 3.67
N GLY B 109 -2.62 8.97 3.20
CA GLY B 109 -3.37 8.10 4.08
C GLY B 109 -2.52 7.32 5.08
N VAL B 110 -1.29 6.97 4.71
CA VAL B 110 -0.45 6.12 5.54
C VAL B 110 0.68 6.91 6.19
N GLY B 111 0.71 8.22 6.03
CA GLY B 111 1.63 9.04 6.78
C GLY B 111 3.03 9.19 6.20
N LEU B 112 3.19 9.00 4.90
CA LEU B 112 4.45 9.21 4.23
C LEU B 112 4.55 10.65 3.76
N GLY B 113 5.79 11.13 3.59
CA GLY B 113 5.97 12.48 3.09
C GLY B 113 6.13 12.58 1.59
N GLY B 114 6.09 11.44 0.92
CA GLY B 114 6.25 11.37 -0.52
C GLY B 114 6.69 9.98 -0.91
N ILE B 115 6.66 9.73 -2.23
CA ILE B 115 7.19 8.49 -2.78
C ILE B 115 8.01 8.82 -4.03
N LEU B 116 8.94 7.93 -4.36
CA LEU B 116 9.72 8.06 -5.59
C LEU B 116 9.19 7.10 -6.64
N THR B 117 8.88 7.60 -7.83
CA THR B 117 8.39 6.74 -8.88
C THR B 117 9.12 6.97 -10.19
N PRO B 118 9.40 5.91 -10.95
CA PRO B 118 10.02 6.09 -12.28
C PRO B 118 9.04 6.55 -13.31
N THR B 119 7.75 6.45 -13.02
CA THR B 119 6.73 6.83 -13.98
C THR B 119 6.76 8.33 -14.21
N GLY B 120 6.73 8.74 -15.48
CA GLY B 120 6.75 10.16 -15.80
C GLY B 120 8.13 10.76 -16.03
N VAL B 121 9.20 10.06 -15.66
CA VAL B 121 10.55 10.59 -15.87
C VAL B 121 10.75 10.89 -17.36
N GLY B 122 11.28 12.06 -17.66
CA GLY B 122 11.55 12.40 -19.05
C GLY B 122 10.34 12.72 -19.86
N THR B 123 9.17 12.87 -19.24
CA THR B 123 7.96 13.33 -19.88
C THR B 123 7.60 14.70 -19.30
N VAL B 124 6.48 15.24 -19.75
CA VAL B 124 6.02 16.52 -19.22
C VAL B 124 5.69 16.41 -17.74
N VAL B 125 5.45 15.20 -17.23
CA VAL B 125 5.16 15.01 -15.80
C VAL B 125 6.35 15.42 -14.95
N GLU B 126 7.56 15.37 -15.51
CA GLU B 126 8.75 15.74 -14.74
C GLU B 126 8.80 17.24 -14.43
N LYS B 127 8.12 18.07 -15.21
CA LYS B 127 8.09 19.51 -14.97
C LYS B 127 7.77 19.84 -13.52
N ASP B 128 8.67 20.58 -12.87
CA ASP B 128 8.44 21.06 -11.51
C ASP B 128 8.38 19.93 -10.50
N LYS B 129 9.13 18.85 -10.74
CA LYS B 129 9.29 17.81 -9.74
C LYS B 129 10.75 17.73 -9.33
N LYS B 130 10.98 17.38 -8.08
CA LYS B 130 12.33 17.03 -7.68
C LYS B 130 12.64 15.68 -8.29
N VAL B 131 13.80 15.57 -8.92
CA VAL B 131 14.31 14.30 -9.44
C VAL B 131 15.33 13.78 -8.46
N ILE B 132 15.21 12.51 -8.10
CA ILE B 132 16.14 11.85 -7.19
C ILE B 132 16.67 10.63 -7.87
N GLU B 133 18.00 10.49 -7.91
CA GLU B 133 18.61 9.28 -8.40
C GLU B 133 18.96 8.36 -7.25
N VAL B 134 18.68 7.08 -7.45
CA VAL B 134 18.93 6.03 -6.47
C VAL B 134 19.54 4.89 -7.26
N GLU B 135 20.79 4.53 -6.97
CA GLU B 135 21.41 3.38 -7.62
C GLU B 135 21.48 3.59 -9.13
N GLY B 136 21.79 4.82 -9.54
CA GLY B 136 21.92 5.13 -10.94
C GLY B 136 20.64 5.31 -11.71
N LYS B 137 19.47 5.14 -11.09
CA LYS B 137 18.20 5.31 -11.78
C LYS B 137 17.49 6.58 -11.32
N LYS B 138 16.78 7.23 -12.23
CA LYS B 138 16.08 8.47 -11.93
C LYS B 138 14.63 8.21 -11.50
N TYR B 139 14.18 8.96 -10.49
CA TYR B 139 12.81 8.90 -10.00
C TYR B 139 12.27 10.29 -9.81
N LEU B 140 10.96 10.44 -10.00
CA LEU B 140 10.27 11.66 -9.62
C LEU B 140 9.84 11.56 -8.16
N LEU B 141 10.11 12.59 -7.37
CA LEU B 141 9.52 12.70 -6.03
C LEU B 141 8.09 13.20 -6.20
N GLU B 142 7.13 12.42 -5.73
CA GLU B 142 5.72 12.78 -5.85
C GLU B 142 5.12 12.89 -4.44
N LEU B 143 4.30 13.90 -4.23
CA LEU B 143 4.00 14.36 -2.90
C LEU B 143 2.60 13.93 -2.45
N PRO B 144 2.38 13.80 -1.16
CA PRO B 144 1.06 13.33 -0.68
C PRO B 144 -0.02 14.29 -1.10
N ILE B 145 -1.20 13.74 -1.38
CA ILE B 145 -2.37 14.54 -1.74
C ILE B 145 -3.38 14.44 -0.61
N HIS B 146 -3.75 15.59 -0.04
CA HIS B 146 -4.67 15.68 1.08
C HIS B 146 -6.04 16.13 0.61
N ALA B 147 -7.05 15.91 1.45
CA ALA B 147 -8.39 16.37 1.16
C ALA B 147 -9.17 16.59 2.45
N ASP B 148 -10.20 17.44 2.33
CA ASP B 148 -11.13 17.69 3.44
C ASP B 148 -12.01 16.47 3.69
N VAL B 149 -12.59 15.92 2.63
CA VAL B 149 -13.56 14.85 2.77
C VAL B 149 -13.29 13.84 1.67
N ALA B 150 -13.36 12.56 2.02
CA ALA B 150 -13.40 11.47 1.05
C ALA B 150 -14.85 11.01 0.94
N LEU B 151 -15.37 11.03 -0.28
CA LEU B 151 -16.69 10.56 -0.62
C LEU B 151 -16.52 9.22 -1.34
N ILE B 152 -16.78 8.14 -0.63
CA ILE B 152 -16.46 6.81 -1.13
C ILE B 152 -17.73 6.00 -1.24
N LYS B 153 -17.64 4.94 -2.04
CA LYS B 153 -18.72 4.02 -2.33
C LYS B 153 -18.28 2.62 -1.92
N ALA B 154 -19.18 1.89 -1.25
CA ALA B 154 -18.89 0.52 -0.84
C ALA B 154 -20.12 -0.34 -1.03
N LYS B 155 -19.89 -1.65 -1.10
CA LYS B 155 -20.96 -2.61 -1.32
C LYS B 155 -21.78 -2.82 -0.05
N LYS B 156 -21.10 -3.01 1.07
CA LYS B 156 -21.74 -3.27 2.35
C LYS B 156 -20.94 -2.61 3.44
N ALA B 157 -21.66 -2.15 4.47
CA ALA B 157 -21.08 -1.80 5.76
C ALA B 157 -21.76 -2.63 6.85
N ASP B 158 -21.00 -3.07 7.86
CA ASP B 158 -21.65 -3.65 9.03
C ASP B 158 -22.04 -2.52 9.99
N TYR B 159 -22.65 -2.91 11.11
CA TYR B 159 -23.12 -1.91 12.07
C TYR B 159 -22.01 -1.00 12.59
N LEU B 160 -20.76 -1.47 12.59
CA LEU B 160 -19.62 -0.68 13.03
C LEU B 160 -19.01 0.16 11.91
N GLY B 161 -19.51 0.05 10.69
CA GLY B 161 -18.95 0.81 9.59
C GLY B 161 -17.82 0.11 8.85
N ASN B 162 -17.49 -1.12 9.20
CA ASN B 162 -16.53 -1.86 8.39
C ASN B 162 -17.10 -2.02 6.99
N LEU B 163 -16.24 -1.89 5.99
CA LEU B 163 -16.69 -1.90 4.60
C LEU B 163 -16.07 -3.04 3.80
N VAL B 164 -16.87 -3.61 2.92
CA VAL B 164 -16.34 -4.43 1.83
C VAL B 164 -16.77 -3.80 0.51
N TYR B 165 -16.00 -4.12 -0.52
CA TYR B 165 -16.20 -3.61 -1.88
C TYR B 165 -16.57 -4.76 -2.80
N ASN B 166 -16.91 -4.43 -4.03
CA ASN B 166 -17.34 -5.47 -4.97
C ASN B 166 -16.63 -5.27 -6.30
N LEU B 167 -15.76 -6.23 -6.62
CA LEU B 167 -15.13 -6.38 -7.96
C LEU B 167 -14.45 -5.06 -8.32
N THR B 168 -14.61 -4.55 -9.55
CA THR B 168 -13.85 -3.41 -10.01
C THR B 168 -14.45 -2.08 -9.55
N ALA B 169 -15.45 -2.12 -8.67
CA ALA B 169 -15.93 -0.92 -7.99
C ALA B 169 -15.04 -0.51 -6.83
N GLU B 170 -14.04 -1.32 -6.47
CA GLU B 170 -13.15 -0.96 -5.37
C GLU B 170 -12.27 0.24 -5.75
N ASN B 171 -11.48 0.09 -6.82
CA ASN B 171 -10.54 1.06 -7.36
C ASN B 171 -9.97 2.01 -6.29
N PHE B 172 -10.29 3.30 -6.34
CA PHE B 172 -9.63 4.26 -5.44
C PHE B 172 -10.27 4.35 -4.04
N ASN B 173 -11.45 3.77 -3.85
CA ASN B 173 -12.22 4.01 -2.62
C ASN B 173 -11.48 3.72 -1.32
N PRO B 174 -10.88 2.55 -1.13
CA PRO B 174 -10.23 2.28 0.16
C PRO B 174 -8.97 3.09 0.40
N ILE B 175 -8.29 3.52 -0.68
CA ILE B 175 -7.15 4.42 -0.57
C ILE B 175 -7.60 5.78 -0.09
N MET B 176 -8.64 6.32 -0.71
CA MET B 176 -9.10 7.66 -0.30
C MET B 176 -9.65 7.62 1.13
N ALA B 177 -10.21 6.48 1.56
CA ALA B 177 -10.74 6.39 2.93
C ALA B 177 -9.66 6.69 3.96
N LEU B 178 -8.43 6.33 3.66
CA LEU B 178 -7.35 6.59 4.61
C LEU B 178 -6.80 8.00 4.52
N ALA B 179 -7.06 8.72 3.45
CA ALA B 179 -6.28 9.91 3.18
C ALA B 179 -6.98 11.22 3.51
N ALA B 180 -8.30 11.25 3.62
CA ALA B 180 -8.99 12.51 3.85
C ALA B 180 -9.26 12.67 5.34
N LYS B 181 -9.50 13.92 5.75
CA LYS B 181 -9.75 14.21 7.15
C LYS B 181 -11.06 13.61 7.64
N THR B 182 -12.11 13.66 6.83
CA THR B 182 -13.43 13.13 7.11
C THR B 182 -13.81 12.16 6.02
N VAL B 183 -14.44 11.05 6.38
CA VAL B 183 -14.78 9.98 5.42
C VAL B 183 -16.27 9.74 5.48
N ILE B 184 -16.93 9.87 4.32
CA ILE B 184 -18.34 9.57 4.15
C ILE B 184 -18.47 8.41 3.16
N ALA B 185 -19.06 7.30 3.60
CA ALA B 185 -19.25 6.12 2.75
C ALA B 185 -20.71 5.97 2.36
N GLU B 186 -20.96 5.96 1.05
CA GLU B 186 -22.24 5.58 0.49
C GLU B 186 -22.24 4.08 0.31
N VAL B 187 -23.21 3.36 0.92
CA VAL B 187 -23.20 1.90 0.90
C VAL B 187 -24.52 1.35 0.40
N GLU B 188 -24.47 0.19 -0.23
CA GLU B 188 -25.66 -0.42 -0.81
C GLU B 188 -26.48 -1.18 0.20
N GLU B 189 -25.88 -1.60 1.32
CA GLU B 189 -26.54 -2.47 2.28
C GLU B 189 -25.83 -2.31 3.61
N ILE B 190 -26.59 -2.28 4.72
CA ILE B 190 -26.05 -2.41 6.07
C ILE B 190 -26.31 -3.82 6.55
N VAL B 191 -25.27 -4.49 7.03
CA VAL B 191 -25.37 -5.87 7.49
C VAL B 191 -24.96 -5.94 8.94
N PRO B 192 -25.40 -6.99 9.62
CA PRO B 192 -25.02 -7.15 11.03
C PRO B 192 -23.53 -7.35 11.20
N THR B 193 -23.02 -6.82 12.30
CA THR B 193 -21.65 -7.12 12.71
C THR B 193 -21.52 -8.63 12.87
N GLY B 194 -20.44 -9.17 12.31
CA GLY B 194 -20.25 -10.60 12.18
C GLY B 194 -20.61 -11.14 10.81
N THR B 195 -21.26 -10.35 9.96
CA THR B 195 -21.47 -10.78 8.59
C THR B 195 -20.22 -10.61 7.74
N LEU B 196 -19.42 -9.58 8.01
CA LEU B 196 -18.16 -9.35 7.31
C LEU B 196 -17.02 -9.86 8.18
N SER B 197 -16.27 -10.83 7.68
N SER B 197 -16.27 -10.83 7.68
CA SER B 197 -15.25 -11.49 8.48
CA SER B 197 -15.26 -11.48 8.48
C SER B 197 -14.02 -10.61 8.66
C SER B 197 -14.03 -10.60 8.66
N PRO B 198 -13.26 -10.83 9.73
CA PRO B 198 -12.00 -10.08 9.90
C PRO B 198 -11.10 -10.26 8.70
N ASN B 199 -11.18 -11.40 8.04
CA ASN B 199 -10.28 -11.69 6.93
C ASN B 199 -10.70 -11.03 5.63
N GLU B 200 -11.93 -10.53 5.54
CA GLU B 200 -12.43 -9.95 4.28
C GLU B 200 -12.69 -8.45 4.32
N ILE B 201 -12.81 -7.85 5.50
CA ILE B 201 -13.04 -6.40 5.54
C ILE B 201 -11.84 -5.69 4.91
N LYS B 202 -12.11 -4.65 4.11
CA LYS B 202 -11.04 -3.87 3.49
C LYS B 202 -10.87 -2.45 4.04
N THR B 203 -11.88 -1.89 4.70
CA THR B 203 -11.78 -0.58 5.33
C THR B 203 -12.39 -0.71 6.72
N PRO B 204 -11.62 -0.51 7.78
CA PRO B 204 -12.17 -0.66 9.14
C PRO B 204 -13.12 0.48 9.50
N GLY B 205 -14.16 0.14 10.27
CA GLY B 205 -15.19 1.14 10.58
C GLY B 205 -14.66 2.34 11.34
N ILE B 206 -13.57 2.17 12.06
CA ILE B 206 -12.98 3.25 12.85
C ILE B 206 -12.58 4.43 11.99
N ILE B 207 -12.28 4.23 10.70
CA ILE B 207 -11.90 5.36 9.89
C ILE B 207 -13.05 5.93 9.08
N VAL B 208 -14.25 5.36 9.18
CA VAL B 208 -15.43 5.81 8.47
C VAL B 208 -16.25 6.67 9.43
N ASP B 209 -16.42 7.94 9.09
CA ASP B 209 -17.09 8.85 10.01
C ASP B 209 -18.60 8.85 9.83
N TYR B 210 -19.07 8.75 8.58
CA TYR B 210 -20.48 8.87 8.25
C TYR B 210 -20.81 7.88 7.14
N ILE B 211 -22.04 7.40 7.17
CA ILE B 211 -22.55 6.46 6.17
C ILE B 211 -23.89 6.97 5.68
N VAL B 212 -24.14 6.83 4.38
CA VAL B 212 -25.42 7.17 3.79
C VAL B 212 -25.84 6.09 2.79
N THR B 213 -27.18 6.02 2.57
CA THR B 213 -27.98 5.48 1.37
C THR B 213 -28.99 4.42 1.66
N ASN C 2 1.29 -2.66 43.00
CA ASN C 2 0.44 -1.51 43.27
C ASN C 2 0.74 -0.22 42.48
N PRO C 3 2.01 0.20 42.39
CA PRO C 3 2.29 1.37 41.54
C PRO C 3 1.89 1.15 40.09
N LYS C 4 2.07 -0.07 39.59
CA LYS C 4 1.64 -0.38 38.23
C LYS C 4 0.13 -0.32 38.11
N GLU C 5 -0.58 -0.72 39.18
CA GLU C 5 -2.04 -0.63 39.19
C GLU C 5 -2.49 0.83 39.25
N LYS C 6 -1.87 1.60 40.14
CA LYS C 6 -2.10 3.05 40.19
C LYS C 6 -2.00 3.67 38.81
N ILE C 7 -0.90 3.39 38.11
CA ILE C 7 -0.69 4.01 36.80
C ILE C 7 -1.77 3.54 35.82
N ALA C 8 -2.02 2.23 35.78
CA ALA C 8 -2.94 1.68 34.79
C ALA C 8 -4.34 2.22 34.98
N ILE C 9 -4.77 2.35 36.23
CA ILE C 9 -6.09 2.90 36.52
C ILE C 9 -6.20 4.33 36.01
N ARG C 10 -5.20 5.17 36.30
CA ARG C 10 -5.26 6.56 35.88
C ARG C 10 -5.19 6.70 34.36
N VAL C 11 -4.34 5.92 33.70
CA VAL C 11 -4.30 5.97 32.24
C VAL C 11 -5.66 5.57 31.66
N ALA C 12 -6.23 4.49 32.18
CA ALA C 12 -7.54 4.06 31.68
C ALA C 12 -8.55 5.20 31.73
N GLN C 13 -8.46 6.06 32.75
CA GLN C 13 -9.41 7.15 32.91
C GLN C 13 -9.24 8.22 31.84
N GLU C 14 -8.12 8.20 31.14
CA GLU C 14 -7.85 9.17 30.09
C GLU C 14 -8.51 8.78 28.75
N LEU C 15 -8.90 7.53 28.59
CA LEU C 15 -9.45 7.07 27.30
C LEU C 15 -10.89 7.52 27.12
N LYS C 16 -11.25 7.79 25.86
CA LYS C 16 -12.55 8.34 25.49
C LYS C 16 -13.33 7.36 24.63
N LYS C 17 -14.65 7.46 24.73
CA LYS C 17 -15.55 6.59 23.95
C LYS C 17 -15.21 6.65 22.47
N GLY C 18 -15.15 5.48 21.85
CA GLY C 18 -14.97 5.41 20.42
C GLY C 18 -13.55 5.43 19.92
N GLN C 19 -12.56 5.58 20.80
CA GLN C 19 -11.18 5.70 20.36
C GLN C 19 -10.59 4.35 19.95
N LEU C 20 -9.66 4.40 19.01
CA LEU C 20 -8.78 3.28 18.72
C LEU C 20 -7.51 3.45 19.55
N VAL C 21 -7.17 2.43 20.31
CA VAL C 21 -6.08 2.48 21.29
C VAL C 21 -5.10 1.34 21.05
N ASN C 22 -3.82 1.64 21.20
CA ASN C 22 -2.76 0.65 21.14
C ASN C 22 -2.03 0.66 22.47
N LEU C 23 -1.89 -0.52 23.06
CA LEU C 23 -1.17 -0.72 24.31
C LEU C 23 0.16 -1.44 24.07
N GLY C 24 1.25 -0.81 24.46
CA GLY C 24 2.53 -1.49 24.43
C GLY C 24 2.63 -2.63 25.43
N ILE C 25 3.65 -3.47 25.23
CA ILE C 25 3.87 -4.60 26.12
C ILE C 25 4.35 -4.08 27.48
N GLY C 26 4.04 -4.84 28.52
CA GLY C 26 4.43 -4.45 29.87
C GLY C 26 3.31 -3.69 30.56
N LEU C 27 3.68 -2.58 31.19
CA LEU C 27 2.73 -1.84 32.01
C LEU C 27 1.51 -1.39 31.21
N PRO C 28 1.64 -0.88 29.98
CA PRO C 28 0.41 -0.44 29.28
C PRO C 28 -0.65 -1.52 29.11
N THR C 29 -0.26 -2.79 28.97
CA THR C 29 -1.26 -3.85 28.79
C THR C 29 -2.19 -3.98 29.98
N LEU C 30 -1.75 -3.57 31.17
CA LEU C 30 -2.63 -3.56 32.34
C LEU C 30 -3.80 -2.59 32.18
N VAL C 31 -3.66 -1.59 31.32
CA VAL C 31 -4.71 -0.59 31.18
C VAL C 31 -6.03 -1.24 30.81
N ALA C 32 -5.97 -2.31 30.01
CA ALA C 32 -7.19 -2.96 29.52
C ALA C 32 -8.00 -3.56 30.65
N ASN C 33 -7.37 -3.79 31.79
CA ASN C 33 -8.02 -4.32 32.98
C ASN C 33 -8.87 -3.31 33.71
N TYR C 34 -8.82 -2.04 33.35
CA TYR C 34 -9.40 -0.99 34.18
C TYR C 34 -10.21 0.03 33.39
N ILE C 35 -10.67 -0.33 32.21
CA ILE C 35 -11.46 0.57 31.39
C ILE C 35 -12.76 0.79 32.12
N PRO C 36 -13.12 2.04 32.43
CA PRO C 36 -14.43 2.28 33.04
C PRO C 36 -15.52 1.62 32.20
N LYS C 37 -16.58 1.19 32.89
CA LYS C 37 -17.55 0.26 32.31
C LYS C 37 -18.36 0.92 31.21
N ASP C 38 -18.56 2.24 31.29
CA ASP C 38 -19.29 2.98 30.27
C ASP C 38 -18.46 3.35 29.04
N ILE C 39 -17.15 3.12 29.07
CA ILE C 39 -16.24 3.61 28.04
C ILE C 39 -15.92 2.45 27.10
N HIS C 40 -16.22 2.64 25.82
CA HIS C 40 -16.04 1.58 24.83
C HIS C 40 -14.96 2.02 23.85
N VAL C 41 -13.84 1.30 23.88
CA VAL C 41 -12.73 1.55 22.98
C VAL C 41 -12.43 0.26 22.22
N THR C 42 -11.64 0.40 21.18
CA THR C 42 -11.21 -0.69 20.30
C THR C 42 -9.70 -0.68 20.34
N PHE C 43 -9.09 -1.86 20.41
CA PHE C 43 -7.65 -1.97 20.49
C PHE C 43 -7.02 -2.45 19.20
N GLN C 44 -5.89 -1.82 18.85
N GLN C 44 -5.91 -1.82 18.84
CA GLN C 44 -5.08 -2.23 17.71
CA GLN C 44 -5.08 -2.23 17.71
C GLN C 44 -3.79 -2.89 18.20
C GLN C 44 -3.79 -2.87 18.18
N CYS C 45 -3.36 -3.94 17.51
CA CYS C 45 -2.05 -4.53 17.71
C CYS C 45 -1.28 -4.45 16.40
N GLU C 46 0.01 -4.11 16.51
CA GLU C 46 0.80 -3.77 15.34
C GLU C 46 1.00 -4.94 14.41
N ASN C 47 0.91 -6.16 14.94
CA ASN C 47 1.08 -7.33 14.11
C ASN C 47 -0.09 -7.58 13.18
N GLY C 48 -1.21 -6.86 13.35
CA GLY C 48 -2.18 -6.73 12.28
C GLY C 48 -3.63 -6.95 12.65
N ILE C 49 -4.11 -6.33 13.74
CA ILE C 49 -5.52 -6.47 14.11
C ILE C 49 -6.06 -5.16 14.65
N ILE C 50 -7.29 -4.81 14.25
CA ILE C 50 -8.15 -3.87 14.95
C ILE C 50 -9.30 -4.68 15.54
N GLY C 51 -9.48 -4.60 16.86
CA GLY C 51 -10.49 -5.38 17.53
C GLY C 51 -9.93 -6.51 18.41
N MET C 52 -8.76 -6.28 18.99
CA MET C 52 -8.17 -7.25 19.91
C MET C 52 -9.06 -7.42 21.14
N GLY C 53 -9.22 -8.65 21.55
CA GLY C 53 -9.95 -8.94 22.77
C GLY C 53 -9.04 -9.58 23.80
N PRO C 54 -9.63 -9.96 24.93
CA PRO C 54 -8.86 -10.58 26.01
C PRO C 54 -8.41 -11.98 25.64
N ALA C 55 -7.52 -12.52 26.45
CA ALA C 55 -7.00 -13.85 26.18
C ALA C 55 -8.16 -14.85 26.10
N PRO C 56 -8.05 -15.84 25.23
CA PRO C 56 -9.16 -16.79 25.10
C PRO C 56 -9.25 -17.67 26.34
N LYS C 57 -10.46 -18.14 26.62
CA LYS C 57 -10.61 -19.23 27.60
C LYS C 57 -9.83 -20.44 27.10
N GLU C 58 -9.43 -21.30 28.06
CA GLU C 58 -8.60 -22.44 27.72
C GLU C 58 -9.32 -23.31 26.69
N GLY C 59 -8.61 -23.71 25.65
CA GLY C 59 -9.18 -24.50 24.57
C GLY C 59 -9.67 -23.69 23.38
N TYR C 60 -9.83 -22.37 23.52
CA TYR C 60 -10.35 -21.53 22.47
C TYR C 60 -9.26 -20.79 21.69
N GLU C 61 -8.00 -21.16 21.88
CA GLU C 61 -6.88 -20.48 21.26
C GLU C 61 -6.87 -20.75 19.75
N ASN C 62 -6.37 -19.78 19.01
CA ASN C 62 -6.17 -19.91 17.57
C ASN C 62 -4.71 -19.53 17.29
N SER C 63 -3.97 -20.43 16.64
CA SER C 63 -2.54 -20.26 16.45
C SER C 63 -2.19 -19.04 15.61
N ASP C 64 -3.14 -18.56 14.82
CA ASP C 64 -2.92 -17.43 13.93
C ASP C 64 -3.39 -16.11 14.52
N LEU C 65 -3.78 -16.09 15.79
CA LEU C 65 -4.41 -14.90 16.38
C LEU C 65 -3.71 -14.56 17.70
N THR C 66 -2.80 -13.60 17.65
CA THR C 66 -1.99 -13.25 18.81
C THR C 66 -1.88 -11.74 18.91
N ASN C 67 -1.32 -11.30 20.04
CA ASN C 67 -0.91 -9.91 20.17
C ASN C 67 0.54 -9.78 19.71
N ALA C 68 1.15 -8.62 19.94
CA ALA C 68 2.49 -8.33 19.42
C ALA C 68 3.59 -8.93 20.28
N GLY C 69 3.23 -9.71 21.30
CA GLY C 69 4.14 -10.58 22.00
C GLY C 69 3.98 -12.04 21.67
N ALA C 70 3.09 -12.36 20.72
CA ALA C 70 2.78 -13.71 20.30
C ALA C 70 1.94 -14.47 21.32
N SER C 71 1.37 -13.79 22.31
CA SER C 71 0.39 -14.39 23.20
C SER C 71 -0.97 -14.50 22.51
N TYR C 72 -1.69 -15.59 22.82
CA TYR C 72 -3.01 -15.76 22.20
C TYR C 72 -3.97 -14.67 22.66
N ILE C 73 -4.73 -14.12 21.72
CA ILE C 73 -5.78 -13.17 21.99
C ILE C 73 -7.06 -13.70 21.37
N THR C 74 -8.18 -13.07 21.73
CA THR C 74 -9.42 -13.21 20.99
C THR C 74 -9.56 -12.00 20.05
N ALA C 75 -10.44 -12.13 19.07
CA ALA C 75 -10.88 -11.02 18.24
C ALA C 75 -12.35 -10.83 18.55
N LEU C 76 -12.75 -9.58 18.75
CA LEU C 76 -14.13 -9.22 19.04
C LEU C 76 -14.94 -9.09 17.76
N PRO C 77 -16.26 -9.18 17.83
CA PRO C 77 -17.07 -9.03 16.61
C PRO C 77 -16.79 -7.71 15.95
N GLY C 78 -16.68 -7.74 14.62
CA GLY C 78 -16.31 -6.55 13.87
C GLY C 78 -14.83 -6.26 13.77
N ALA C 79 -13.98 -7.17 14.23
CA ALA C 79 -12.54 -6.98 14.09
C ALA C 79 -12.16 -7.06 12.61
N MET C 80 -11.01 -6.45 12.28
CA MET C 80 -10.36 -6.57 10.99
C MET C 80 -8.90 -6.93 11.25
N THR C 81 -8.41 -7.89 10.47
CA THR C 81 -7.00 -8.24 10.43
C THR C 81 -6.44 -7.86 9.06
N PHE C 82 -5.13 -7.69 8.99
CA PHE C 82 -4.54 -7.01 7.85
C PHE C 82 -3.02 -7.16 7.89
N ASP C 83 -2.39 -6.79 6.78
CA ASP C 83 -0.95 -6.91 6.65
C ASP C 83 -0.23 -5.75 7.34
N SER C 84 1.08 -5.90 7.45
CA SER C 84 1.90 -4.97 8.22
C SER C 84 2.00 -3.59 7.59
N ALA C 85 1.89 -3.49 6.26
CA ALA C 85 1.85 -2.17 5.65
C ALA C 85 0.56 -1.43 6.02
N PHE C 86 -0.58 -2.12 5.91
CA PHE C 86 -1.83 -1.50 6.34
C PHE C 86 -1.77 -1.11 7.82
N SER C 87 -1.20 -2.00 8.63
CA SER C 87 -1.10 -1.74 10.05
C SER C 87 -0.34 -0.45 10.34
N PHE C 88 0.82 -0.28 9.71
CA PHE C 88 1.56 0.96 9.95
C PHE C 88 1.03 2.14 9.18
N GLY C 89 0.12 1.94 8.22
CA GLY C 89 -0.65 3.05 7.70
C GLY C 89 -1.61 3.60 8.73
N ILE C 90 -2.25 2.71 9.49
CA ILE C 90 -3.10 3.15 10.59
C ILE C 90 -2.26 3.89 11.62
N ILE C 91 -1.09 3.34 11.95
CA ILE C 91 -0.26 3.88 13.04
C ILE C 91 0.41 5.19 12.60
N ARG C 92 1.15 5.15 11.50
CA ARG C 92 1.91 6.32 11.04
C ARG C 92 1.01 7.38 10.46
N GLY C 93 -0.16 6.99 9.96
CA GLY C 93 -1.02 7.86 9.22
C GLY C 93 -1.95 8.71 10.02
N GLY C 94 -1.89 8.64 11.34
CA GLY C 94 -2.76 9.45 12.17
C GLY C 94 -4.13 8.87 12.46
N HIS C 95 -4.36 7.58 12.22
CA HIS C 95 -5.64 6.94 12.46
C HIS C 95 -5.74 6.28 13.81
N LEU C 96 -4.65 6.23 14.57
CA LEU C 96 -4.65 5.66 15.90
C LEU C 96 -4.87 6.80 16.91
N ASP C 97 -5.96 6.76 17.66
CA ASP C 97 -6.26 7.87 18.58
C ASP C 97 -5.26 7.94 19.73
N VAL C 98 -4.93 6.82 20.32
CA VAL C 98 -4.06 6.79 21.50
C VAL C 98 -3.10 5.63 21.37
N THR C 99 -1.83 5.88 21.70
CA THR C 99 -0.94 4.81 22.08
C THR C 99 -0.47 5.03 23.51
N VAL C 100 -0.49 3.96 24.30
CA VAL C 100 0.05 3.93 25.66
C VAL C 100 1.29 3.07 25.65
N LEU C 101 2.44 3.66 25.97
CA LEU C 101 3.73 3.03 25.84
C LEU C 101 4.50 3.15 27.15
N GLY C 102 5.33 2.15 27.41
CA GLY C 102 6.22 2.20 28.54
C GLY C 102 7.34 3.20 28.31
N GLY C 103 8.09 3.51 29.39
CA GLY C 103 9.16 4.48 29.31
C GLY C 103 10.39 4.12 30.12
N LEU C 104 11.55 4.43 29.56
CA LEU C 104 12.84 4.48 30.25
C LEU C 104 13.15 5.89 30.73
N GLN C 105 13.01 6.87 29.84
CA GLN C 105 13.12 8.29 30.19
C GLN C 105 12.13 9.11 29.38
N VAL C 106 11.66 10.22 29.97
CA VAL C 106 11.01 11.29 29.22
C VAL C 106 11.65 12.61 29.65
N ASP C 107 11.85 13.55 28.73
CA ASP C 107 12.60 14.77 29.10
C ASP C 107 11.74 16.02 28.95
N GLU C 108 12.37 17.19 29.19
CA GLU C 108 11.56 18.42 29.26
C GLU C 108 10.98 18.83 27.91
N GLU C 109 11.52 18.30 26.82
CA GLU C 109 10.95 18.47 25.49
C GLU C 109 9.84 17.46 25.21
N GLY C 110 9.51 16.60 26.18
CA GLY C 110 8.50 15.58 25.96
C GLY C 110 9.00 14.47 25.07
N HIS C 111 10.32 14.35 24.92
CA HIS C 111 10.90 13.27 24.14
C HIS C 111 11.03 11.99 24.96
N LEU C 112 10.65 10.89 24.33
CA LEU C 112 10.60 9.59 24.95
C LEU C 112 11.79 8.74 24.49
N ALA C 113 12.44 8.10 25.44
CA ALA C 113 13.40 7.05 25.18
C ALA C 113 12.82 5.77 25.78
N ASN C 114 12.57 4.76 24.94
CA ASN C 114 11.98 3.57 25.52
C ASN C 114 12.28 2.28 24.75
N TRP C 115 13.36 2.24 23.96
CA TRP C 115 13.64 1.04 23.21
C TRP C 115 15.03 0.48 23.38
N MET C 116 15.95 1.17 24.06
CA MET C 116 17.32 0.68 24.11
C MET C 116 18.04 1.25 25.33
N ILE C 117 18.81 0.42 26.03
CA ILE C 117 19.77 0.90 27.03
C ILE C 117 21.14 0.42 26.53
N PRO C 118 22.02 1.29 26.06
CA PRO C 118 23.30 0.80 25.52
C PRO C 118 24.00 -0.07 26.55
N GLY C 119 24.51 -1.22 26.11
CA GLY C 119 25.22 -2.15 26.95
C GLY C 119 24.37 -3.05 27.80
N LYS C 120 23.04 -3.01 27.67
CA LYS C 120 22.16 -3.80 28.50
C LYS C 120 21.02 -4.39 27.67
N MET C 121 19.91 -3.65 27.57
CA MET C 121 18.72 -4.08 26.85
C MET C 121 18.87 -3.62 25.39
N ILE C 122 19.01 -4.59 24.48
CA ILE C 122 19.05 -4.30 23.04
C ILE C 122 18.02 -5.12 22.26
N PRO C 123 16.75 -4.79 22.39
CA PRO C 123 15.71 -5.57 21.72
C PRO C 123 15.38 -5.14 20.29
N GLY C 124 15.93 -4.03 19.82
CA GLY C 124 15.42 -3.36 18.63
C GLY C 124 14.21 -2.50 18.95
N MET C 125 13.86 -1.64 18.00
CA MET C 125 12.78 -0.68 18.24
C MET C 125 11.42 -1.23 17.88
N GLY C 126 11.32 -2.30 17.08
CA GLY C 126 9.99 -2.72 16.63
C GLY C 126 9.19 -1.58 16.03
N GLY C 127 7.94 -1.51 16.41
CA GLY C 127 7.01 -0.48 15.96
C GLY C 127 7.01 0.78 16.79
N ALA C 128 7.88 0.87 17.82
CA ALA C 128 7.73 1.95 18.80
C ALA C 128 8.00 3.32 18.19
N MET C 129 8.96 3.42 17.27
CA MET C 129 9.21 4.72 16.67
C MET C 129 8.04 5.19 15.81
N ASP C 130 7.44 4.27 15.06
CA ASP C 130 6.27 4.62 14.28
C ASP C 130 5.09 5.01 15.16
N LEU C 131 4.92 4.31 16.27
CA LEU C 131 3.80 4.58 17.17
C LEU C 131 3.96 5.95 17.83
N VAL C 132 5.15 6.27 18.33
CA VAL C 132 5.31 7.60 18.94
C VAL C 132 5.17 8.69 17.90
N THR C 133 5.73 8.46 16.71
CA THR C 133 5.65 9.46 15.66
C THR C 133 4.22 9.69 15.19
N GLY C 134 3.42 8.62 15.05
CA GLY C 134 2.15 8.73 14.39
C GLY C 134 0.85 8.79 15.18
N ALA C 135 0.81 8.27 16.40
CA ALA C 135 -0.41 8.29 17.19
C ALA C 135 -0.90 9.73 17.42
N LYS C 136 -2.21 9.92 17.35
CA LYS C 136 -2.75 11.25 17.63
C LYS C 136 -2.38 11.71 19.04
N LYS C 137 -2.37 10.79 19.98
CA LYS C 137 -2.00 11.07 21.36
C LYS C 137 -1.11 9.96 21.87
N VAL C 138 0.01 10.33 22.50
CA VAL C 138 0.95 9.41 23.11
C VAL C 138 0.89 9.61 24.61
N ILE C 139 0.53 8.56 25.34
CA ILE C 139 0.55 8.52 26.79
C ILE C 139 1.69 7.60 27.21
N VAL C 140 2.59 8.11 28.05
CA VAL C 140 3.69 7.31 28.57
C VAL C 140 3.28 6.87 29.97
N ALA C 141 3.23 5.56 30.16
CA ALA C 141 2.81 4.93 31.41
C ALA C 141 4.06 4.31 31.99
N MET C 142 4.65 4.96 33.00
CA MET C 142 5.86 4.38 33.56
C MET C 142 5.99 4.66 35.05
N THR C 143 6.84 3.87 35.71
CA THR C 143 7.17 4.20 37.10
C THR C 143 8.02 5.48 37.14
N HIS C 144 7.88 6.23 38.23
CA HIS C 144 8.48 7.55 38.29
C HIS C 144 10.00 7.47 38.30
N THR C 145 10.57 6.45 38.95
CA THR C 145 12.01 6.27 39.01
C THR C 145 12.37 4.82 38.67
N ALA C 146 13.65 4.62 38.36
CA ALA C 146 14.24 3.32 38.11
C ALA C 146 15.11 2.97 39.32
N LYS C 147 14.54 2.26 40.28
CA LYS C 147 15.24 1.91 41.52
C LYS C 147 15.84 3.15 42.17
N GLY C 148 15.07 4.24 42.15
CA GLY C 148 15.44 5.49 42.76
C GLY C 148 16.02 6.53 41.81
N THR C 149 16.49 6.12 40.65
CA THR C 149 17.03 7.09 39.70
C THR C 149 15.89 7.77 38.95
N PRO C 150 15.83 9.10 38.93
CA PRO C 150 14.73 9.74 38.22
C PRO C 150 14.73 9.36 36.75
N LYS C 151 13.54 9.13 36.21
CA LYS C 151 13.35 8.85 34.79
C LYS C 151 12.81 10.05 34.02
N ILE C 152 12.29 11.08 34.71
CA ILE C 152 11.85 12.31 34.08
C ILE C 152 12.98 13.30 34.26
N VAL C 153 13.66 13.61 33.15
CA VAL C 153 15.00 14.19 33.16
C VAL C 153 15.00 15.45 32.30
N LYS C 154 16.07 16.25 32.44
CA LYS C 154 16.11 17.49 31.66
C LYS C 154 16.24 17.18 30.17
N LYS C 155 17.17 16.30 29.82
CA LYS C 155 17.38 15.85 28.45
C LYS C 155 17.68 14.37 28.42
N CYS C 156 16.99 13.62 27.56
CA CYS C 156 17.22 12.18 27.54
C CYS C 156 18.70 11.88 27.28
N THR C 157 19.24 10.94 28.04
CA THR C 157 20.56 10.39 27.77
C THR C 157 20.50 9.03 27.09
N LEU C 158 19.40 8.37 27.16
CA LEU C 158 19.19 7.13 26.42
C LEU C 158 18.66 7.41 25.02
N PRO C 159 18.83 6.46 24.10
CA PRO C 159 18.47 6.75 22.70
C PRO C 159 17.00 7.08 22.57
N LEU C 160 16.72 8.15 21.82
CA LEU C 160 15.34 8.57 21.61
C LEU C 160 14.57 7.56 20.77
N THR C 161 13.32 7.38 21.12
CA THR C 161 12.38 6.67 20.26
C THR C 161 11.89 7.59 19.15
N SER C 162 11.75 8.88 19.43
CA SER C 162 11.18 9.85 18.48
C SER C 162 11.48 11.24 19.00
N ILE C 163 11.44 12.23 18.07
CA ILE C 163 11.46 13.63 18.49
C ILE C 163 10.07 14.23 18.66
N ARG C 164 9.05 13.42 18.49
CA ARG C 164 7.70 13.90 18.75
C ARG C 164 7.52 14.18 20.25
N LYS C 165 6.81 15.26 20.56
CA LYS C 165 6.49 15.56 21.95
C LYS C 165 5.33 14.70 22.44
N VAL C 166 5.59 13.83 23.42
CA VAL C 166 4.47 13.02 23.92
C VAL C 166 3.48 13.92 24.64
N ASP C 167 2.28 13.41 24.85
CA ASP C 167 1.18 14.25 25.27
C ASP C 167 0.87 14.14 26.75
N LEU C 168 1.28 13.05 27.37
CA LEU C 168 0.94 12.80 28.76
C LEU C 168 1.92 11.78 29.33
N ILE C 169 2.36 12.03 30.55
CA ILE C 169 3.14 11.09 31.33
C ILE C 169 2.34 10.75 32.59
N VAL C 170 2.14 9.47 32.85
CA VAL C 170 1.44 9.03 34.04
C VAL C 170 2.35 8.10 34.80
N THR C 171 2.72 8.47 36.03
CA THR C 171 3.50 7.63 36.92
C THR C 171 2.65 7.29 38.14
N GLU C 172 3.21 6.51 39.06
CA GLU C 172 2.49 6.27 40.32
C GLU C 172 2.44 7.52 41.20
N LEU C 173 3.20 8.57 40.87
CA LEU C 173 3.27 9.78 41.67
C LEU C 173 2.65 10.98 40.99
N ALA C 174 2.62 11.01 39.65
CA ALA C 174 2.34 12.25 38.96
C ALA C 174 1.64 12.01 37.64
N VAL C 175 0.85 13.01 37.24
CA VAL C 175 0.36 13.15 35.85
C VAL C 175 0.93 14.44 35.31
N ILE C 176 1.68 14.34 34.21
CA ILE C 176 2.43 15.47 33.65
C ILE C 176 2.09 15.60 32.18
N GLU C 177 1.78 16.82 31.75
CA GLU C 177 1.54 17.08 30.33
C GLU C 177 2.65 17.92 29.73
N PRO C 178 3.44 17.39 28.80
CA PRO C 178 4.43 18.25 28.11
C PRO C 178 3.72 19.31 27.30
N THR C 179 4.27 20.53 27.37
CA THR C 179 3.72 21.68 26.66
C THR C 179 4.86 22.43 25.98
N ASP C 180 4.51 23.48 25.24
CA ASP C 180 5.50 24.34 24.60
C ASP C 180 6.41 25.00 25.63
N GLU C 181 5.91 25.20 26.85
CA GLU C 181 6.64 25.87 27.91
C GLU C 181 7.46 24.92 28.77
N GLY C 182 7.35 23.61 28.54
CA GLY C 182 8.00 22.61 29.36
C GLY C 182 6.97 21.65 29.94
N LEU C 183 7.30 20.97 31.02
CA LEU C 183 6.45 19.93 31.59
C LEU C 183 5.50 20.50 32.63
N LEU C 184 4.22 20.35 32.39
CA LEU C 184 3.17 20.84 33.28
C LEU C 184 2.69 19.72 34.21
N LEU C 185 3.01 19.85 35.50
CA LEU C 185 2.50 18.90 36.49
C LEU C 185 1.05 19.25 36.80
N LYS C 186 0.13 18.37 36.41
CA LYS C 186 -1.29 18.60 36.58
C LYS C 186 -1.88 17.89 37.79
N GLU C 187 -1.32 16.74 38.18
CA GLU C 187 -1.84 15.97 39.30
C GLU C 187 -0.71 15.24 40.02
N ILE C 188 -0.92 15.00 41.31
CA ILE C 188 -0.04 14.12 42.07
C ILE C 188 -0.89 13.11 42.83
N SER C 189 -0.24 12.02 43.20
CA SER C 189 -0.95 10.95 43.88
C SER C 189 -1.37 11.39 45.27
N LYS C 190 -2.58 10.99 45.66
CA LYS C 190 -3.04 11.10 47.05
C LYS C 190 -2.09 10.52 48.07
N GLU C 191 -1.18 9.64 47.68
CA GLU C 191 -0.26 8.99 48.62
C GLU C 191 1.11 9.63 48.63
N THR C 192 1.31 10.73 47.93
CA THR C 192 2.57 11.45 47.96
C THR C 192 2.40 12.89 48.40
N THR C 193 3.51 13.63 48.32
CA THR C 193 3.52 15.06 48.53
C THR C 193 4.16 15.70 47.32
N LEU C 194 3.82 16.97 47.10
CA LEU C 194 4.45 17.73 46.03
C LEU C 194 5.97 17.69 46.13
N ASP C 195 6.50 17.89 47.34
CA ASP C 195 7.96 17.92 47.46
C ASP C 195 8.57 16.58 47.09
N GLU C 196 7.92 15.47 47.47
CA GLU C 196 8.46 14.17 47.11
C GLU C 196 8.49 14.01 45.59
N VAL C 197 7.44 14.46 44.91
CA VAL C 197 7.40 14.37 43.45
C VAL C 197 8.54 15.17 42.84
N LEU C 198 8.70 16.43 43.26
CA LEU C 198 9.75 17.24 42.64
C LEU C 198 11.14 16.72 42.97
N LYS C 199 11.32 16.13 44.14
CA LYS C 199 12.63 15.61 44.50
C LYS C 199 13.03 14.41 43.65
N LEU C 200 12.05 13.63 43.20
CA LEU C 200 12.34 12.47 42.39
C LEU C 200 12.23 12.74 40.90
N THR C 201 12.20 14.01 40.51
CA THR C 201 12.16 14.44 39.11
C THR C 201 13.36 15.34 38.85
N GLU C 202 14.23 14.93 37.93
CA GLU C 202 15.36 15.80 37.56
C GLU C 202 14.92 16.93 36.65
N ALA C 203 13.91 16.68 35.81
CA ALA C 203 13.42 17.74 34.97
C ALA C 203 12.77 18.83 35.80
N LYS C 204 12.79 20.05 35.27
CA LYS C 204 12.00 21.12 35.85
C LYS C 204 10.53 20.88 35.52
N LEU C 205 9.67 21.07 36.51
CA LEU C 205 8.23 21.00 36.34
C LEU C 205 7.60 22.36 36.54
N ILE C 206 6.60 22.66 35.73
CA ILE C 206 5.70 23.79 35.95
C ILE C 206 4.53 23.27 36.77
N ILE C 207 4.28 23.89 37.92
CA ILE C 207 3.24 23.38 38.81
C ILE C 207 1.95 24.07 38.46
N ALA C 208 0.94 23.28 38.08
CA ALA C 208 -0.34 23.84 37.70
C ALA C 208 -0.97 24.54 38.89
N ASP C 209 -1.58 25.70 38.63
CA ASP C 209 -2.29 26.41 39.68
C ASP C 209 -3.49 25.64 40.16
N ASP C 210 -4.06 24.76 39.33
CA ASP C 210 -5.15 23.87 39.76
C ASP C 210 -4.67 22.44 40.00
N LEU C 211 -3.48 22.26 40.57
CA LEU C 211 -2.98 20.93 40.85
C LEU C 211 -4.06 20.08 41.49
N LYS C 212 -4.14 18.84 41.04
CA LYS C 212 -5.21 17.92 41.41
C LYS C 212 -4.59 16.73 42.10
N ILE C 213 -5.41 16.03 42.85
CA ILE C 213 -5.02 14.78 43.48
C ILE C 213 -5.75 13.68 42.72
N PHE C 214 -5.10 12.55 42.59
CA PHE C 214 -5.74 11.44 41.90
C PHE C 214 -4.70 10.37 41.88
N ALA C 215 -4.12 10.23 40.67
CA ALA C 215 -2.93 9.42 40.44
C ALA C 215 -1.77 10.31 40.17
N ASN D 2 -9.80 -4.40 -41.41
CA ASN D 2 -8.91 -5.55 -41.63
C ASN D 2 -7.43 -5.26 -41.29
N PRO D 3 -6.95 -4.02 -41.49
CA PRO D 3 -5.63 -3.70 -40.89
C PRO D 3 -5.60 -3.92 -39.39
N LYS D 4 -6.68 -3.58 -38.69
CA LYS D 4 -6.72 -3.80 -37.25
C LYS D 4 -6.74 -5.29 -36.92
N GLU D 5 -7.49 -6.09 -37.69
CA GLU D 5 -7.46 -7.53 -37.53
C GLU D 5 -6.07 -8.09 -37.82
N LYS D 6 -5.42 -7.60 -38.87
CA LYS D 6 -4.07 -8.06 -39.19
C LYS D 6 -3.15 -7.88 -37.99
N ILE D 7 -3.17 -6.68 -37.41
CA ILE D 7 -2.31 -6.37 -36.27
C ILE D 7 -2.69 -7.26 -35.08
N ALA D 8 -3.99 -7.33 -34.78
CA ALA D 8 -4.41 -8.07 -33.60
C ALA D 8 -4.02 -9.54 -33.68
N ILE D 9 -4.14 -10.14 -34.87
CA ILE D 9 -3.77 -11.54 -35.02
C ILE D 9 -2.29 -11.74 -34.72
N ARG D 10 -1.42 -10.87 -35.28
CA ARG D 10 0.02 -11.04 -35.11
C ARG D 10 0.45 -10.79 -33.67
N VAL D 11 -0.14 -9.78 -33.01
CA VAL D 11 0.19 -9.56 -31.61
C VAL D 11 -0.19 -10.77 -30.77
N ALA D 12 -1.38 -11.35 -31.01
CA ALA D 12 -1.77 -12.51 -30.21
C ALA D 12 -0.76 -13.65 -30.35
N GLN D 13 -0.13 -13.80 -31.52
CA GLN D 13 0.87 -14.85 -31.71
C GLN D 13 2.14 -14.58 -30.94
N GLU D 14 2.36 -13.34 -30.49
CA GLU D 14 3.51 -13.04 -29.66
C GLU D 14 3.34 -13.49 -28.21
N LEU D 15 2.12 -13.76 -27.76
CA LEU D 15 1.90 -14.01 -26.35
C LEU D 15 2.30 -15.44 -26.00
N LYS D 16 2.80 -15.62 -24.78
CA LYS D 16 3.30 -16.91 -24.31
C LYS D 16 2.44 -17.45 -23.16
N LYS D 17 2.40 -18.77 -23.07
CA LYS D 17 1.61 -19.44 -22.04
C LYS D 17 1.97 -18.92 -20.65
N GLY D 18 0.95 -18.70 -19.83
CA GLY D 18 1.15 -18.30 -18.45
C GLY D 18 1.37 -16.82 -18.22
N GLN D 19 1.42 -16.01 -19.26
CA GLN D 19 1.71 -14.60 -19.10
C GLN D 19 0.49 -13.84 -18.57
N LEU D 20 0.77 -12.80 -17.79
CA LEU D 20 -0.23 -11.81 -17.42
C LEU D 20 -0.10 -10.66 -18.41
N VAL D 21 -1.19 -10.36 -19.08
CA VAL D 21 -1.21 -9.46 -20.21
C VAL D 21 -2.20 -8.35 -19.95
N ASN D 22 -1.82 -7.13 -20.30
CA ASN D 22 -2.71 -5.97 -20.25
C ASN D 22 -2.93 -5.43 -21.64
N LEU D 23 -4.21 -5.25 -22.03
CA LEU D 23 -4.59 -4.70 -23.32
C LEU D 23 -5.16 -3.29 -23.17
N GLY D 24 -4.55 -2.34 -23.89
CA GLY D 24 -5.14 -1.01 -23.98
C GLY D 24 -6.48 -1.01 -24.69
N ILE D 25 -7.25 0.04 -24.43
CA ILE D 25 -8.56 0.14 -25.09
C ILE D 25 -8.37 0.46 -26.57
N GLY D 26 -9.30 -0.01 -27.38
CA GLY D 26 -9.23 0.20 -28.82
C GLY D 26 -8.59 -0.99 -29.52
N LEU D 27 -7.62 -0.71 -30.40
CA LEU D 27 -7.00 -1.77 -31.18
C LEU D 27 -6.46 -2.91 -30.33
N PRO D 28 -5.70 -2.67 -29.26
CA PRO D 28 -5.19 -3.79 -28.46
C PRO D 28 -6.27 -4.70 -27.93
N THR D 29 -7.48 -4.18 -27.69
CA THR D 29 -8.52 -5.04 -27.10
C THR D 29 -8.91 -6.16 -28.06
N LEU D 30 -8.73 -5.96 -29.36
CA LEU D 30 -9.05 -7.02 -30.32
C LEU D 30 -8.14 -8.23 -30.19
N VAL D 31 -6.96 -8.07 -29.59
CA VAL D 31 -6.02 -9.18 -29.46
C VAL D 31 -6.67 -10.37 -28.76
N ALA D 32 -7.54 -10.08 -27.79
CA ALA D 32 -8.14 -11.16 -27.01
C ALA D 32 -9.00 -12.06 -27.87
N ASN D 33 -9.39 -11.61 -29.05
CA ASN D 33 -10.22 -12.44 -29.92
C ASN D 33 -9.43 -13.41 -30.78
N TYR D 34 -8.10 -13.39 -30.73
CA TYR D 34 -7.27 -14.23 -31.60
C TYR D 34 -6.22 -15.02 -30.84
N ILE D 35 -6.46 -15.33 -29.57
CA ILE D 35 -5.44 -16.05 -28.83
C ILE D 35 -5.38 -17.48 -29.37
N PRO D 36 -4.21 -17.97 -29.81
CA PRO D 36 -4.11 -19.38 -30.24
C PRO D 36 -4.67 -20.30 -29.17
N LYS D 37 -5.44 -21.30 -29.61
CA LYS D 37 -6.22 -22.12 -28.68
C LYS D 37 -5.33 -22.81 -27.66
N ASP D 38 -4.11 -23.17 -28.05
CA ASP D 38 -3.19 -23.84 -27.14
C ASP D 38 -2.47 -22.88 -26.19
N ILE D 39 -2.85 -21.60 -26.15
CA ILE D 39 -2.11 -20.61 -25.38
C ILE D 39 -3.05 -20.08 -24.31
N HIS D 40 -2.65 -20.22 -23.05
CA HIS D 40 -3.44 -19.70 -21.95
C HIS D 40 -2.72 -18.52 -21.34
N VAL D 41 -3.37 -17.35 -21.39
CA VAL D 41 -2.87 -16.17 -20.69
C VAL D 41 -3.99 -15.69 -19.75
N THR D 42 -3.64 -14.74 -18.88
CA THR D 42 -4.54 -14.05 -17.96
C THR D 42 -4.45 -12.57 -18.26
N PHE D 43 -5.58 -11.90 -18.21
CA PHE D 43 -5.63 -10.48 -18.53
C PHE D 43 -5.85 -9.65 -17.28
N GLN D 44 -5.14 -8.52 -17.23
CA GLN D 44 -5.27 -7.52 -16.19
C GLN D 44 -5.86 -6.24 -16.77
N CYS D 45 -6.77 -5.62 -16.02
CA CYS D 45 -7.28 -4.29 -16.34
C CYS D 45 -6.91 -3.34 -15.20
N GLU D 46 -6.48 -2.11 -15.55
CA GLU D 46 -5.91 -1.21 -14.54
C GLU D 46 -6.91 -0.80 -13.46
N ASN D 47 -8.20 -0.82 -13.79
CA ASN D 47 -9.25 -0.42 -12.87
C ASN D 47 -9.44 -1.46 -11.78
N GLY D 48 -8.82 -2.64 -11.92
CA GLY D 48 -8.57 -3.46 -10.75
C GLY D 48 -8.95 -4.93 -10.80
N ILE D 49 -8.55 -5.65 -11.87
CA ILE D 49 -8.85 -7.06 -11.97
C ILE D 49 -7.70 -7.78 -12.65
N ILE D 50 -7.37 -8.95 -12.12
CA ILE D 50 -6.61 -10.01 -12.80
C ILE D 50 -7.61 -11.13 -13.08
N GLY D 51 -7.77 -11.50 -14.36
CA GLY D 51 -8.74 -12.52 -14.73
C GLY D 51 -9.93 -12.01 -15.52
N MET D 52 -9.70 -10.97 -16.31
CA MET D 52 -10.76 -10.42 -17.11
C MET D 52 -11.15 -11.45 -18.17
N GLY D 53 -12.45 -11.58 -18.39
CA GLY D 53 -12.98 -12.46 -19.40
C GLY D 53 -13.69 -11.64 -20.45
N PRO D 54 -14.29 -12.33 -21.42
CA PRO D 54 -15.01 -11.65 -22.50
C PRO D 54 -16.31 -11.02 -22.02
N ALA D 55 -16.88 -10.19 -22.90
CA ALA D 55 -18.13 -9.51 -22.56
C ALA D 55 -19.19 -10.52 -22.15
N PRO D 56 -20.00 -10.21 -21.15
CA PRO D 56 -21.02 -11.17 -20.71
C PRO D 56 -22.12 -11.32 -21.73
N LYS D 57 -22.74 -12.47 -21.70
CA LYS D 57 -23.97 -12.70 -22.48
C LYS D 57 -25.03 -11.75 -21.98
N GLU D 58 -25.96 -11.39 -22.86
CA GLU D 58 -27.00 -10.43 -22.48
C GLU D 58 -27.75 -10.92 -21.24
N GLY D 59 -27.87 -10.04 -20.25
CA GLY D 59 -28.47 -10.38 -18.98
C GLY D 59 -27.51 -10.83 -17.89
N TYR D 60 -26.25 -11.12 -18.21
CA TYR D 60 -25.27 -11.58 -17.24
C TYR D 60 -24.33 -10.47 -16.78
N GLU D 61 -24.68 -9.22 -17.06
CA GLU D 61 -23.85 -8.09 -16.71
C GLU D 61 -23.88 -7.86 -15.19
N ASN D 62 -22.77 -7.33 -14.70
CA ASN D 62 -22.65 -6.87 -13.34
C ASN D 62 -22.15 -5.44 -13.36
N SER D 63 -22.89 -4.55 -12.70
CA SER D 63 -22.59 -3.11 -12.72
C SER D 63 -21.24 -2.78 -12.14
N ASP D 64 -20.69 -3.65 -11.30
CA ASP D 64 -19.43 -3.42 -10.62
C ASP D 64 -18.24 -4.08 -11.30
N LEU D 65 -18.42 -4.61 -12.50
CA LEU D 65 -17.42 -5.45 -13.16
C LEU D 65 -17.25 -4.97 -14.59
N THR D 66 -16.22 -4.14 -14.83
CA THR D 66 -16.01 -3.53 -16.13
C THR D 66 -14.52 -3.57 -16.48
N ASN D 67 -14.20 -3.25 -17.75
CA ASN D 67 -12.84 -3.01 -18.15
C ASN D 67 -12.52 -1.55 -17.91
N ALA D 68 -11.36 -1.11 -18.40
CA ALA D 68 -10.91 0.27 -18.13
C ALA D 68 -11.57 1.31 -19.03
N GLY D 69 -12.49 0.87 -19.88
CA GLY D 69 -13.40 1.74 -20.60
C GLY D 69 -14.80 1.78 -20.06
N ALA D 70 -15.04 1.11 -18.95
CA ALA D 70 -16.34 0.98 -18.28
C ALA D 70 -17.30 0.07 -19.02
N SER D 71 -16.82 -0.69 -20.02
CA SER D 71 -17.64 -1.71 -20.66
C SER D 71 -17.75 -2.94 -19.77
N TYR D 72 -18.92 -3.58 -19.79
CA TYR D 72 -19.10 -4.78 -18.96
C TYR D 72 -18.15 -5.87 -19.43
N ILE D 73 -17.58 -6.61 -18.46
CA ILE D 73 -16.74 -7.76 -18.71
C ILE D 73 -17.24 -8.91 -17.84
N THR D 74 -16.72 -10.10 -18.10
CA THR D 74 -16.83 -11.19 -17.16
C THR D 74 -15.52 -11.30 -16.38
N ALA D 75 -15.58 -12.05 -15.28
CA ALA D 75 -14.38 -12.45 -14.56
C ALA D 75 -14.32 -13.97 -14.63
N LEU D 76 -13.14 -14.49 -14.93
CA LEU D 76 -12.98 -15.92 -15.06
C LEU D 76 -12.71 -16.56 -13.71
N PRO D 77 -12.88 -17.88 -13.59
CA PRO D 77 -12.65 -18.51 -12.29
C PRO D 77 -11.21 -18.27 -11.86
N GLY D 78 -11.05 -17.94 -10.58
CA GLY D 78 -9.74 -17.60 -10.07
C GLY D 78 -9.33 -16.15 -10.20
N ALA D 79 -10.24 -15.29 -10.67
CA ALA D 79 -9.93 -13.87 -10.79
C ALA D 79 -9.73 -13.28 -9.40
N MET D 80 -8.99 -12.18 -9.36
CA MET D 80 -8.81 -11.34 -8.18
C MET D 80 -9.12 -9.92 -8.56
N THR D 81 -9.90 -9.23 -7.72
CA THR D 81 -10.12 -7.79 -7.88
C THR D 81 -9.50 -7.06 -6.70
N PHE D 82 -9.18 -5.78 -6.91
CA PHE D 82 -8.32 -5.09 -5.96
C PHE D 82 -8.37 -3.58 -6.19
N ASP D 83 -7.72 -2.85 -5.27
CA ASP D 83 -7.75 -1.41 -5.33
C ASP D 83 -6.65 -0.92 -6.30
N SER D 84 -6.72 0.36 -6.59
CA SER D 84 -5.86 0.94 -7.61
C SER D 84 -4.40 1.01 -7.20
N ALA D 85 -4.10 1.05 -5.91
CA ALA D 85 -2.71 0.99 -5.48
C ALA D 85 -2.13 -0.39 -5.77
N PHE D 86 -2.86 -1.44 -5.39
CA PHE D 86 -2.41 -2.79 -5.70
C PHE D 86 -2.27 -2.99 -7.22
N SER D 87 -3.26 -2.49 -7.97
CA SER D 87 -3.22 -2.58 -9.42
C SER D 87 -1.94 -2.02 -10.00
N PHE D 88 -1.56 -0.79 -9.60
CA PHE D 88 -0.33 -0.23 -10.15
C PHE D 88 0.91 -0.74 -9.47
N GLY D 89 0.77 -1.44 -8.34
CA GLY D 89 1.88 -2.21 -7.85
C GLY D 89 2.22 -3.37 -8.78
N ILE D 90 1.20 -4.06 -9.29
CA ILE D 90 1.42 -5.11 -10.29
C ILE D 90 2.05 -4.49 -11.55
N ILE D 91 1.49 -3.37 -12.02
CA ILE D 91 1.91 -2.77 -13.28
C ILE D 91 3.31 -2.17 -13.16
N ARG D 92 3.52 -1.30 -12.19
CA ARG D 92 4.79 -0.61 -12.05
C ARG D 92 5.88 -1.50 -11.49
N GLY D 93 5.51 -2.52 -10.71
CA GLY D 93 6.43 -3.35 -9.97
C GLY D 93 7.05 -4.50 -10.74
N GLY D 94 6.80 -4.61 -12.04
CA GLY D 94 7.42 -5.67 -12.80
C GLY D 94 6.67 -6.98 -12.79
N HIS D 95 5.41 -7.00 -12.37
CA HIS D 95 4.63 -8.22 -12.31
C HIS D 95 3.75 -8.44 -13.52
N LEU D 96 3.67 -7.46 -14.43
CA LEU D 96 2.90 -7.61 -15.66
C LEU D 96 3.85 -8.06 -16.76
N ASP D 97 3.60 -9.21 -17.37
CA ASP D 97 4.54 -9.72 -18.38
C ASP D 97 4.49 -8.89 -19.64
N VAL D 98 3.29 -8.53 -20.09
CA VAL D 98 3.10 -7.85 -21.35
C VAL D 98 2.01 -6.79 -21.22
N THR D 99 2.27 -5.61 -21.78
CA THR D 99 1.20 -4.67 -22.11
C THR D 99 1.20 -4.46 -23.61
N VAL D 100 0.01 -4.48 -24.20
CA VAL D 100 -0.20 -4.13 -25.61
C VAL D 100 -0.95 -2.82 -25.64
N LEU D 101 -0.32 -1.78 -26.18
CA LEU D 101 -0.85 -0.43 -26.18
C LEU D 101 -0.91 0.11 -27.60
N GLY D 102 -1.85 1.02 -27.83
CA GLY D 102 -1.91 1.70 -29.12
C GLY D 102 -0.81 2.74 -29.23
N GLY D 103 -0.68 3.29 -30.43
CA GLY D 103 0.39 4.24 -30.66
C GLY D 103 0.04 5.36 -31.62
N LEU D 104 0.54 6.55 -31.33
CA LEU D 104 0.52 7.70 -32.24
C LEU D 104 1.84 7.84 -32.98
N GLN D 105 2.96 7.70 -32.27
CA GLN D 105 4.31 7.64 -32.87
C GLN D 105 5.18 6.72 -32.05
N VAL D 106 6.14 6.10 -32.73
CA VAL D 106 7.26 5.43 -32.09
C VAL D 106 8.50 5.85 -32.87
N ASP D 107 9.60 6.10 -32.18
CA ASP D 107 10.78 6.64 -32.87
C ASP D 107 11.93 5.65 -32.80
N GLU D 108 13.10 6.06 -33.30
CA GLU D 108 14.18 5.09 -33.42
C GLU D 108 14.87 4.81 -32.11
N GLU D 109 14.55 5.56 -31.08
CA GLU D 109 14.91 5.23 -29.70
C GLU D 109 13.96 4.25 -29.05
N GLY D 110 12.92 3.82 -29.76
CA GLY D 110 11.90 2.98 -29.16
C GLY D 110 10.92 3.71 -28.28
N HIS D 111 10.93 5.04 -28.32
CA HIS D 111 10.09 5.83 -27.45
C HIS D 111 8.70 5.94 -28.03
N LEU D 112 7.71 5.76 -27.18
CA LEU D 112 6.32 5.79 -27.58
C LEU D 112 5.66 7.09 -27.16
N ALA D 113 4.88 7.65 -28.10
CA ALA D 113 3.95 8.74 -27.83
C ALA D 113 2.57 8.21 -28.12
N ASN D 114 1.69 8.14 -27.08
CA ASN D 114 0.36 7.60 -27.32
C ASN D 114 -0.74 8.17 -26.41
N TRP D 115 -0.56 9.37 -25.86
CA TRP D 115 -1.57 9.92 -24.96
C TRP D 115 -2.03 11.35 -25.24
N MET D 116 -1.39 12.08 -26.15
CA MET D 116 -1.78 13.48 -26.37
C MET D 116 -1.31 13.95 -27.73
N ILE D 117 -2.17 14.68 -28.43
CA ILE D 117 -1.82 15.48 -29.61
C ILE D 117 -2.12 16.92 -29.28
N PRO D 118 -1.11 17.78 -29.07
CA PRO D 118 -1.41 19.16 -28.65
C PRO D 118 -2.39 19.80 -29.62
N GLY D 119 -3.36 20.52 -29.05
CA GLY D 119 -4.38 21.21 -29.81
C GLY D 119 -5.44 20.33 -30.44
N LYS D 120 -5.45 19.04 -30.15
CA LYS D 120 -6.34 18.12 -30.87
C LYS D 120 -7.01 17.10 -29.95
N MET D 121 -6.26 16.16 -29.40
CA MET D 121 -6.83 15.17 -28.47
C MET D 121 -6.09 15.31 -27.15
N ILE D 122 -6.84 15.59 -26.08
CA ILE D 122 -6.27 15.77 -24.74
C ILE D 122 -7.03 14.91 -23.73
N PRO D 123 -6.85 13.60 -23.78
CA PRO D 123 -7.61 12.71 -22.91
C PRO D 123 -6.99 12.50 -21.55
N GLY D 124 -5.75 12.96 -21.33
CA GLY D 124 -4.97 12.54 -20.18
C GLY D 124 -4.26 11.22 -20.44
N MET D 125 -3.29 10.92 -19.59
CA MET D 125 -2.48 9.72 -19.77
C MET D 125 -3.07 8.49 -19.12
N GLY D 126 -4.00 8.64 -18.16
CA GLY D 126 -4.45 7.45 -17.45
C GLY D 126 -3.29 6.65 -16.90
N GLY D 127 -3.36 5.33 -17.07
CA GLY D 127 -2.31 4.40 -16.67
C GLY D 127 -1.21 4.18 -17.68
N ALA D 128 -1.24 4.86 -18.83
CA ALA D 128 -0.33 4.51 -19.92
C ALA D 128 1.14 4.72 -19.57
N MET D 129 1.47 5.79 -18.84
CA MET D 129 2.84 6.02 -18.45
C MET D 129 3.34 4.96 -17.49
N ASP D 130 2.49 4.55 -16.55
CA ASP D 130 2.87 3.45 -15.65
C ASP D 130 3.05 2.15 -16.42
N LEU D 131 2.17 1.90 -17.38
CA LEU D 131 2.23 0.63 -18.11
C LEU D 131 3.49 0.55 -18.96
N VAL D 132 3.84 1.63 -19.66
CA VAL D 132 5.03 1.59 -20.50
C VAL D 132 6.28 1.52 -19.63
N THR D 133 6.27 2.21 -18.49
CA THR D 133 7.43 2.17 -17.60
C THR D 133 7.62 0.81 -16.97
N GLY D 134 6.53 0.15 -16.60
CA GLY D 134 6.61 -1.02 -15.75
C GLY D 134 6.49 -2.42 -16.34
N ALA D 135 5.83 -2.56 -17.48
CA ALA D 135 5.60 -3.89 -18.04
C ALA D 135 6.93 -4.53 -18.43
N LYS D 136 7.04 -5.84 -18.20
CA LYS D 136 8.27 -6.52 -18.61
C LYS D 136 8.49 -6.39 -20.10
N LYS D 137 7.40 -6.44 -20.86
CA LYS D 137 7.43 -6.29 -22.31
C LYS D 137 6.35 -5.33 -22.74
N VAL D 138 6.71 -4.39 -23.58
CA VAL D 138 5.77 -3.46 -24.15
C VAL D 138 5.67 -3.72 -25.66
N ILE D 139 4.46 -4.02 -26.11
CA ILE D 139 4.16 -4.19 -27.53
C ILE D 139 3.27 -3.02 -27.97
N VAL D 140 3.70 -2.31 -28.99
CA VAL D 140 2.88 -1.25 -29.57
C VAL D 140 2.15 -1.83 -30.77
N ALA D 141 0.83 -1.74 -30.74
CA ALA D 141 -0.04 -2.22 -31.81
C ALA D 141 -0.74 -1.02 -32.46
N MET D 142 -0.45 -0.72 -33.75
CA MET D 142 -0.76 0.59 -34.28
C MET D 142 -0.69 0.49 -35.81
N THR D 143 -1.57 1.22 -36.49
CA THR D 143 -1.45 1.26 -37.94
C THR D 143 -0.13 1.95 -38.31
N HIS D 144 0.36 1.61 -39.50
CA HIS D 144 1.70 2.05 -39.90
C HIS D 144 1.77 3.55 -40.15
N THR D 145 0.68 4.14 -40.61
CA THR D 145 0.60 5.55 -40.90
C THR D 145 -0.72 6.09 -40.38
N ALA D 146 -0.77 7.42 -40.23
CA ALA D 146 -1.99 8.16 -39.91
C ALA D 146 -2.42 8.83 -41.22
N LYS D 147 -3.39 8.21 -41.89
CA LYS D 147 -3.82 8.59 -43.23
C LYS D 147 -2.64 8.99 -44.10
N GLY D 148 -1.67 8.05 -44.22
CA GLY D 148 -0.53 8.21 -45.07
C GLY D 148 0.71 8.79 -44.42
N THR D 149 0.54 9.56 -43.34
CA THR D 149 1.66 10.15 -42.65
C THR D 149 2.37 9.10 -41.80
N PRO D 150 3.68 8.91 -41.97
CA PRO D 150 4.37 7.88 -41.18
C PRO D 150 4.30 8.15 -39.68
N LYS D 151 4.07 7.08 -38.92
CA LYS D 151 4.02 7.13 -37.47
C LYS D 151 5.28 6.55 -36.84
N ILE D 152 6.12 5.88 -37.62
CA ILE D 152 7.41 5.40 -37.16
C ILE D 152 8.44 6.40 -37.67
N VAL D 153 8.95 7.22 -36.77
CA VAL D 153 9.63 8.45 -37.11
C VAL D 153 11.01 8.47 -36.46
N LYS D 154 11.84 9.40 -36.91
CA LYS D 154 13.20 9.45 -36.38
C LYS D 154 13.20 9.83 -34.90
N LYS D 155 12.42 10.84 -34.53
CA LYS D 155 12.29 11.28 -33.14
C LYS D 155 10.86 11.75 -32.93
N CYS D 156 10.24 11.31 -31.84
CA CYS D 156 8.85 11.70 -31.60
C CYS D 156 8.72 13.21 -31.55
N THR D 157 7.68 13.73 -32.18
CA THR D 157 7.34 15.13 -32.07
C THR D 157 6.16 15.36 -31.14
N LEU D 158 5.37 14.34 -30.88
CA LEU D 158 4.27 14.34 -29.93
C LEU D 158 4.76 14.00 -28.53
N PRO D 159 4.02 14.39 -27.48
CA PRO D 159 4.51 14.13 -26.11
C PRO D 159 4.77 12.67 -25.84
N LEU D 160 5.90 12.40 -25.21
CA LEU D 160 6.26 11.03 -24.89
C LEU D 160 5.38 10.48 -23.77
N THR D 161 5.06 9.19 -23.88
CA THR D 161 4.45 8.46 -22.78
C THR D 161 5.50 8.00 -21.77
N SER D 162 6.74 7.75 -22.21
CA SER D 162 7.78 7.20 -21.37
C SER D 162 9.11 7.30 -22.13
N ILE D 163 10.22 7.28 -21.40
CA ILE D 163 11.52 7.15 -22.06
C ILE D 163 11.99 5.71 -22.14
N ARG D 164 11.19 4.75 -21.65
CA ARG D 164 11.53 3.34 -21.78
C ARG D 164 11.45 2.92 -23.24
N LYS D 165 12.38 2.07 -23.66
CA LYS D 165 12.39 1.55 -25.02
C LYS D 165 11.37 0.43 -25.16
N VAL D 166 10.36 0.61 -26.02
CA VAL D 166 9.39 -0.45 -26.18
C VAL D 166 10.03 -1.63 -26.87
N ASP D 167 9.40 -2.78 -26.76
CA ASP D 167 10.05 -4.01 -27.15
C ASP D 167 9.64 -4.50 -28.53
N LEU D 168 8.47 -4.13 -29.01
CA LEU D 168 7.96 -4.60 -30.29
C LEU D 168 6.98 -3.57 -30.79
N ILE D 169 7.05 -3.31 -32.10
CA ILE D 169 6.04 -2.59 -32.83
C ILE D 169 5.43 -3.56 -33.83
N VAL D 170 4.11 -3.67 -33.81
CA VAL D 170 3.37 -4.47 -34.80
C VAL D 170 2.40 -3.51 -35.49
N THR D 171 2.55 -3.39 -36.82
CA THR D 171 1.58 -2.67 -37.66
C THR D 171 0.97 -3.65 -38.66
N GLU D 172 0.04 -3.14 -39.48
CA GLU D 172 -0.54 -4.00 -40.51
C GLU D 172 0.47 -4.36 -41.60
N LEU D 173 1.62 -3.67 -41.62
CA LEU D 173 2.66 -3.90 -42.64
C LEU D 173 3.95 -4.51 -42.08
N ALA D 174 4.26 -4.33 -40.81
CA ALA D 174 5.59 -4.67 -40.32
C ALA D 174 5.61 -5.08 -38.86
N VAL D 175 6.60 -5.92 -38.52
CA VAL D 175 6.96 -6.22 -37.14
C VAL D 175 8.38 -5.73 -36.93
N ILE D 176 8.55 -4.84 -35.96
CA ILE D 176 9.80 -4.15 -35.72
C ILE D 176 10.19 -4.25 -34.25
N GLU D 177 11.47 -4.53 -34.01
CA GLU D 177 11.98 -4.63 -32.65
C GLU D 177 12.99 -3.53 -32.39
N PRO D 178 12.70 -2.55 -31.51
CA PRO D 178 13.72 -1.57 -31.11
C PRO D 178 14.87 -2.27 -30.43
N THR D 179 16.09 -1.89 -30.81
CA THR D 179 17.30 -2.46 -30.24
C THR D 179 18.27 -1.34 -29.90
N ASP D 180 19.41 -1.69 -29.31
CA ASP D 180 20.41 -0.69 -28.97
C ASP D 180 21.02 -0.05 -30.21
N GLU D 181 20.96 -0.70 -31.37
CA GLU D 181 21.44 -0.12 -32.61
C GLU D 181 20.37 0.69 -33.34
N GLY D 182 19.09 0.55 -32.97
CA GLY D 182 18.00 1.23 -33.65
C GLY D 182 16.89 0.24 -33.95
N LEU D 183 16.01 0.60 -34.87
CA LEU D 183 14.84 -0.23 -35.11
C LEU D 183 15.17 -1.36 -36.06
N LEU D 184 14.92 -2.59 -35.62
CA LEU D 184 15.21 -3.78 -36.41
C LEU D 184 13.92 -4.31 -37.04
N LEU D 185 13.86 -4.28 -38.37
CA LEU D 185 12.71 -4.83 -39.08
C LEU D 185 12.82 -6.34 -39.10
N LYS D 186 11.82 -7.02 -38.57
CA LYS D 186 11.86 -8.48 -38.44
C LYS D 186 10.91 -9.19 -39.37
N GLU D 187 9.77 -8.59 -39.71
CA GLU D 187 8.79 -9.26 -40.53
C GLU D 187 8.02 -8.21 -41.32
N ILE D 188 7.51 -8.61 -42.49
CA ILE D 188 6.57 -7.76 -43.22
C ILE D 188 5.35 -8.58 -43.60
N SER D 189 4.26 -7.86 -43.87
CA SER D 189 2.99 -8.49 -44.19
C SER D 189 3.02 -9.18 -45.55
N LYS D 190 2.33 -10.31 -45.63
CA LYS D 190 2.17 -11.02 -46.89
C LYS D 190 1.53 -10.14 -47.95
N GLU D 191 0.69 -9.18 -47.54
CA GLU D 191 -0.05 -8.33 -48.46
C GLU D 191 0.67 -7.03 -48.80
N THR D 192 1.90 -6.86 -48.35
CA THR D 192 2.68 -5.67 -48.68
C THR D 192 4.00 -6.10 -49.30
N THR D 193 4.88 -5.12 -49.51
CA THR D 193 6.23 -5.38 -49.98
C THR D 193 7.22 -4.58 -49.14
N LEU D 194 8.48 -5.03 -49.14
CA LEU D 194 9.50 -4.31 -48.41
C LEU D 194 9.64 -2.88 -48.90
N ASP D 195 9.52 -2.68 -50.22
CA ASP D 195 9.61 -1.33 -50.76
C ASP D 195 8.53 -0.41 -50.19
N GLU D 196 7.31 -0.91 -50.10
CA GLU D 196 6.23 -0.09 -49.56
C GLU D 196 6.47 0.23 -48.09
N VAL D 197 6.95 -0.75 -47.31
CA VAL D 197 7.23 -0.49 -45.91
C VAL D 197 8.24 0.64 -45.79
N LEU D 198 9.30 0.59 -46.58
CA LEU D 198 10.34 1.60 -46.44
C LEU D 198 9.86 2.97 -46.89
N LYS D 199 9.00 3.01 -47.91
CA LYS D 199 8.43 4.27 -48.36
C LYS D 199 7.58 4.91 -47.27
N LEU D 200 6.99 4.10 -46.40
CA LEU D 200 6.05 4.61 -45.41
C LEU D 200 6.63 4.68 -44.01
N THR D 201 7.95 4.52 -43.88
CA THR D 201 8.64 4.60 -42.60
C THR D 201 9.66 5.74 -42.67
N GLU D 202 9.52 6.72 -41.78
CA GLU D 202 10.50 7.80 -41.79
C GLU D 202 11.73 7.43 -40.99
N ALA D 203 11.57 6.66 -39.94
CA ALA D 203 12.71 6.25 -39.14
C ALA D 203 13.61 5.34 -39.95
N LYS D 204 14.90 5.35 -39.60
CA LYS D 204 15.83 4.40 -40.16
C LYS D 204 15.50 3.01 -39.65
N LEU D 205 15.55 2.03 -40.54
CA LEU D 205 15.29 0.64 -40.20
C LEU D 205 16.49 -0.24 -40.55
N ILE D 206 16.89 -1.06 -39.60
CA ILE D 206 17.83 -2.15 -39.83
C ILE D 206 17.05 -3.36 -40.30
N ILE D 207 17.59 -4.10 -41.25
CA ILE D 207 16.88 -5.23 -41.82
C ILE D 207 17.50 -6.51 -41.27
N ALA D 208 16.66 -7.34 -40.66
CA ALA D 208 17.12 -8.64 -40.21
C ALA D 208 17.45 -9.51 -41.42
N ASP D 209 18.46 -10.36 -41.25
CA ASP D 209 18.80 -11.32 -42.31
C ASP D 209 17.62 -12.25 -42.62
N ASP D 210 16.98 -12.79 -41.59
CA ASP D 210 15.85 -13.70 -41.80
C ASP D 210 14.52 -12.94 -41.70
N LEU D 211 14.35 -11.99 -42.60
CA LEU D 211 13.08 -11.28 -42.69
C LEU D 211 11.98 -12.26 -43.03
N LYS D 212 10.90 -12.22 -42.27
CA LYS D 212 9.80 -13.16 -42.42
C LYS D 212 8.57 -12.45 -42.94
N ILE D 213 7.63 -13.26 -43.37
CA ILE D 213 6.31 -12.85 -43.82
C ILE D 213 5.35 -13.34 -42.77
N PHE D 214 4.35 -12.55 -42.48
CA PHE D 214 3.32 -12.97 -41.54
C PHE D 214 2.36 -11.82 -41.53
N ALA D 215 2.58 -10.96 -40.52
CA ALA D 215 1.98 -9.63 -40.41
C ALA D 215 3.06 -8.60 -40.35
#